data_4L8S
#
_entry.id   4L8S
#
_cell.length_a   83.068
_cell.length_b   87.285
_cell.length_c   155.817
_cell.angle_alpha   90.000
_cell.angle_beta   90.000
_cell.angle_gamma   90.000
#
_symmetry.space_group_name_H-M   'P 21 21 21'
#
loop_
_entity.id
_entity.type
_entity.pdbx_description
1 polymer 'Muccosal Associated Invariant T Cell Receptor alpha chain'
2 polymer 'Muccosal Associated Invariant T Cell Receptor beta chain'
3 polymer 'Beta-2-microglobulin, MHC class I-related protein'
4 non-polymer 'SULFATE ION'
5 water water
#
loop_
_entity_poly.entity_id
_entity_poly.type
_entity_poly.pdbx_seq_one_letter_code
_entity_poly.pdbx_strand_id
1 'polypeptide(L)'
;MAGQNIDQPTEMTATEGAIVQINCTYQTSGFNGLFWYQQHAGEAPTFLSYNVLDGLEEKGRFSSFLSRSKGYSYLLLKEL
QMKDSASYLCASMDSNYQLIWGAGTKLIIKPNIQNPDPAVYQLRDSKSSDKSVCLFTDFDSQTNVSQSKDSDVYITDKCV
LDMRSMDFKSNSAVAWSNKSDFACANAFNNSIIPEDTFFPSPESSALE
;
A
2 'polypeptide(L)'
;MANAGVTQTPKFQVLKTGQSMTLQCAQDMNHNSMYWYRQDPGMGLRLIYYSASEGTTDKGEVPNGYNVSRLNKREFSLRL
ESAAPSQTSVYFCASSETDPNTGELFFGEGSRLTVLEDLKNVFPPEVAVFEPSEAEISHTQKATLVCLATGFYPDHVELS
WWVNGKEVHSGVCTDPQPLKEQPALNDSRYALSSRLRVSATFWQNPRNHFRCQVQFYGLSENDEWTQDRAKPVTQIVSAE
AWGRADSAAALE
;
B
3 'polypeptide(L)'
;IQRPPKIQVYSRHPPEDGKPNYLNCYVYGFHPPQIEIDLLKNGEKIKSEQSDLSFSKDWSFYLLSHAEFTPNSKDQYSCR
VKHVTLEQPRIVKWDRDLGGGGSGGSGSGGGGSRTHSLRYFRLGISEPGYGIPEFISAGYVDSHPITMYNSVSQL(KFP)
EPRALWMEENLAPDHWERYTQLLRGWQQAFKVELKQLQHHYNHSGFHTYQRMIGCELLEDGSITGFLQYAYDGQDFLIFN
KDTLSWMAMDNVADIIRRVWEANRHELQYQKNWLEEECIAWLKRFLEYGKDALQRTEPPKVRVNHKETFPGITTLYCRAY
GFYPPEISINWMKNGEEIFQDTDYGGILPSGDGTYQTWVSVELDPQNGDIYSCHVEHGGVHMVLQGFQESETILGG
;
C
#
loop_
_chem_comp.id
_chem_comp.type
_chem_comp.name
_chem_comp.formula
SO4 non-polymer 'SULFATE ION' 'O4 S -2'
#
# COMPACT_ATOMS: atom_id res chain seq x y z
N ASN A 5 4.70 -13.61 7.90
CA ASN A 5 4.11 -14.87 7.46
C ASN A 5 2.58 -14.80 7.35
N ILE A 6 2.05 -15.40 6.29
CA ILE A 6 0.60 -15.43 6.08
C ILE A 6 0.15 -16.76 5.47
N ASP A 7 -0.90 -17.36 6.05
CA ASP A 7 -1.31 -18.71 5.66
C ASP A 7 -2.80 -18.84 5.30
N GLN A 8 -3.07 -19.60 4.23
CA GLN A 8 -4.43 -19.95 3.86
C GLN A 8 -4.48 -21.35 3.24
N PRO A 9 -5.64 -22.01 3.31
CA PRO A 9 -5.84 -23.35 2.75
C PRO A 9 -5.44 -23.39 1.29
N THR A 10 -4.71 -24.42 0.89
CA THR A 10 -4.25 -24.53 -0.48
C THR A 10 -5.41 -24.79 -1.44
N GLU A 11 -6.17 -25.84 -1.17
CA GLU A 11 -7.28 -26.22 -2.03
C GLU A 11 -8.59 -26.39 -1.25
N MET A 12 -9.69 -26.06 -1.90
CA MET A 12 -11.01 -26.28 -1.33
C MET A 12 -12.00 -26.66 -2.42
N THR A 13 -12.83 -27.66 -2.13
CA THR A 13 -13.84 -28.10 -3.09
C THR A 13 -15.24 -27.96 -2.49
N ALA A 14 -16.16 -27.45 -3.29
CA ALA A 14 -17.54 -27.28 -2.86
C ALA A 14 -18.48 -27.37 -4.06
N THR A 15 -19.71 -27.82 -3.82
CA THR A 15 -20.71 -27.91 -4.86
C THR A 15 -21.37 -26.56 -5.11
N GLU A 16 -21.88 -26.37 -6.33
CA GLU A 16 -22.62 -25.18 -6.71
C GLU A 16 -23.84 -24.97 -5.81
N GLY A 17 -24.09 -23.71 -5.45
CA GLY A 17 -25.26 -23.37 -4.66
C GLY A 17 -25.04 -23.40 -3.16
N ALA A 18 -23.89 -23.93 -2.75
CA ALA A 18 -23.57 -24.08 -1.34
C ALA A 18 -22.82 -22.87 -0.78
N ILE A 19 -22.39 -22.99 0.48
CA ILE A 19 -21.66 -21.93 1.15
C ILE A 19 -20.24 -22.42 1.50
N VAL A 20 -19.27 -21.54 1.44
CA VAL A 20 -17.89 -21.91 1.74
C VAL A 20 -17.16 -20.82 2.54
N GLN A 21 -16.21 -21.23 3.38
CA GLN A 21 -15.45 -20.30 4.21
C GLN A 21 -13.95 -20.50 4.07
N ILE A 22 -13.26 -19.50 3.55
CA ILE A 22 -11.81 -19.56 3.42
C ILE A 22 -11.12 -18.77 4.52
N ASN A 23 -10.40 -19.47 5.39
CA ASN A 23 -9.70 -18.84 6.51
C ASN A 23 -8.32 -18.33 6.11
N CYS A 24 -7.95 -17.18 6.66
CA CYS A 24 -6.61 -16.64 6.48
C CYS A 24 -6.05 -16.11 7.79
N THR A 25 -4.93 -16.69 8.22
CA THR A 25 -4.22 -16.22 9.40
C THR A 25 -2.95 -15.51 8.99
N TYR A 26 -2.60 -14.45 9.72
CA TYR A 26 -1.42 -13.67 9.40
C TYR A 26 -0.68 -13.23 10.67
N GLN A 27 0.64 -13.26 10.63
CA GLN A 27 1.44 -12.66 11.69
C GLN A 27 2.44 -11.70 11.09
N THR A 28 2.23 -10.41 11.38
CA THR A 28 3.08 -9.35 10.84
C THR A 28 3.46 -8.40 11.95
N SER A 29 4.45 -7.56 11.70
CA SER A 29 4.89 -6.58 12.68
C SER A 29 3.71 -5.69 13.09
N GLY A 30 3.30 -4.82 12.18
CA GLY A 30 2.13 -3.98 12.41
C GLY A 30 0.98 -4.48 11.56
N PHE A 31 -0.16 -3.81 11.64
CA PHE A 31 -1.28 -4.15 10.76
C PHE A 31 -1.92 -2.90 10.16
N ASN A 32 -1.77 -2.71 8.86
CA ASN A 32 -2.50 -1.64 8.19
C ASN A 32 -3.72 -2.07 7.36
N GLY A 33 -3.98 -3.37 7.31
CA GLY A 33 -5.19 -3.88 6.68
C GLY A 33 -5.06 -5.28 6.14
N LEU A 34 -6.17 -5.84 5.69
CA LEU A 34 -6.15 -7.16 5.08
C LEU A 34 -7.04 -7.19 3.84
N PHE A 35 -6.45 -7.58 2.71
CA PHE A 35 -7.14 -7.58 1.42
C PHE A 35 -7.52 -8.99 0.99
N TRP A 36 -8.62 -9.09 0.25
CA TRP A 36 -8.97 -10.31 -0.45
C TRP A 36 -9.07 -10.04 -1.95
N TYR A 37 -8.37 -10.84 -2.74
CA TYR A 37 -8.47 -10.77 -4.19
C TYR A 37 -9.03 -12.05 -4.76
N GLN A 38 -9.81 -11.93 -5.82
CA GLN A 38 -10.28 -13.09 -6.57
C GLN A 38 -9.47 -13.16 -7.85
N GLN A 39 -8.89 -14.33 -8.15
CA GLN A 39 -8.16 -14.50 -9.39
C GLN A 39 -8.62 -15.74 -10.16
N HIS A 40 -9.25 -15.50 -11.31
CA HIS A 40 -9.68 -16.59 -12.17
C HIS A 40 -8.46 -17.18 -12.87
N ALA A 41 -8.58 -18.42 -13.33
CA ALA A 41 -7.47 -19.11 -13.97
C ALA A 41 -6.94 -18.36 -15.19
N GLY A 42 -5.62 -18.21 -15.25
CA GLY A 42 -4.96 -17.55 -16.36
C GLY A 42 -5.31 -16.07 -16.48
N GLU A 43 -5.83 -15.49 -15.41
CA GLU A 43 -6.26 -14.10 -15.45
C GLU A 43 -5.73 -13.25 -14.29
N ALA A 44 -5.88 -11.94 -14.42
CA ALA A 44 -5.42 -11.01 -13.39
C ALA A 44 -6.34 -11.03 -12.18
N PRO A 45 -5.76 -10.93 -10.98
CA PRO A 45 -6.55 -10.89 -9.74
C PRO A 45 -7.42 -9.64 -9.71
N THR A 46 -8.52 -9.71 -8.99
CA THR A 46 -9.39 -8.55 -8.82
C THR A 46 -9.67 -8.32 -7.35
N PHE A 47 -9.72 -7.05 -6.97
CA PHE A 47 -10.01 -6.67 -5.60
C PHE A 47 -11.40 -7.14 -5.18
N LEU A 48 -11.48 -7.68 -3.97
CA LEU A 48 -12.73 -8.20 -3.42
C LEU A 48 -13.15 -7.41 -2.19
N SER A 49 -12.33 -7.46 -1.15
CA SER A 49 -12.65 -6.76 0.09
C SER A 49 -11.42 -6.19 0.80
N TYR A 50 -11.67 -5.24 1.70
CA TYR A 50 -10.62 -4.66 2.52
C TYR A 50 -11.10 -4.49 3.95
N ASN A 51 -10.35 -5.07 4.89
CA ASN A 51 -10.72 -4.97 6.31
C ASN A 51 -9.58 -4.45 7.17
N VAL A 52 -9.91 -3.50 8.03
CA VAL A 52 -8.93 -2.95 8.97
C VAL A 52 -9.44 -3.11 10.40
N LEU A 53 -10.56 -2.48 10.70
CA LEU A 53 -11.20 -2.62 11.99
C LEU A 53 -11.83 -4.00 12.14
N ASP A 54 -11.96 -4.48 13.37
CA ASP A 54 -12.60 -5.75 13.63
C ASP A 54 -14.07 -5.69 13.23
N GLY A 55 -14.56 -6.76 12.61
CA GLY A 55 -15.95 -6.82 12.21
C GLY A 55 -16.17 -7.60 10.94
N LEU A 56 -17.36 -7.44 10.38
CA LEU A 56 -17.74 -8.14 9.16
C LEU A 56 -18.00 -7.14 8.04
N GLU A 57 -17.43 -7.41 6.88
CA GLU A 57 -17.69 -6.60 5.71
C GLU A 57 -18.44 -7.44 4.67
N GLU A 58 -19.71 -7.12 4.43
CA GLU A 58 -20.50 -7.87 3.47
C GLU A 58 -20.65 -7.11 2.15
N LYS A 59 -20.32 -7.77 1.04
CA LYS A 59 -20.68 -7.26 -0.28
C LYS A 59 -21.39 -8.33 -1.10
N GLY A 60 -22.69 -8.13 -1.33
CA GLY A 60 -23.49 -9.11 -2.05
C GLY A 60 -23.42 -10.49 -1.42
N ARG A 61 -23.05 -11.48 -2.22
CA ARG A 61 -22.94 -12.86 -1.77
C ARG A 61 -21.67 -13.07 -0.96
N PHE A 62 -20.74 -12.14 -1.07
CA PHE A 62 -19.45 -12.25 -0.42
C PHE A 62 -19.41 -11.49 0.92
N SER A 63 -18.69 -12.04 1.89
CA SER A 63 -18.47 -11.36 3.16
C SER A 63 -17.07 -11.65 3.70
N SER A 64 -16.44 -10.63 4.26
CA SER A 64 -15.09 -10.77 4.79
C SER A 64 -15.00 -10.36 6.26
N PHE A 65 -14.59 -11.30 7.10
CA PHE A 65 -14.52 -11.07 8.53
C PHE A 65 -13.06 -10.86 8.94
N LEU A 66 -12.85 -9.99 9.93
CA LEU A 66 -11.50 -9.73 10.44
C LEU A 66 -11.46 -9.71 11.96
N SER A 67 -10.41 -10.31 12.51
CA SER A 67 -10.12 -10.19 13.94
C SER A 67 -8.67 -9.77 14.12
N ARG A 68 -8.45 -8.55 14.59
CA ARG A 68 -7.10 -8.02 14.74
C ARG A 68 -6.38 -8.68 15.91
N SER A 69 -7.14 -9.01 16.95
CA SER A 69 -6.57 -9.67 18.13
C SER A 69 -6.08 -11.08 17.79
N LYS A 70 -6.89 -11.82 17.03
CA LYS A 70 -6.55 -13.19 16.67
C LYS A 70 -5.67 -13.26 15.43
N GLY A 71 -5.58 -12.16 14.69
CA GLY A 71 -4.85 -12.15 13.43
C GLY A 71 -5.50 -13.08 12.44
N TYR A 72 -6.82 -13.02 12.39
CA TYR A 72 -7.62 -13.99 11.64
C TYR A 72 -8.58 -13.31 10.69
N SER A 73 -8.81 -13.91 9.53
CA SER A 73 -9.81 -13.43 8.60
C SER A 73 -10.40 -14.58 7.79
N TYR A 74 -11.68 -14.49 7.48
CA TYR A 74 -12.30 -15.46 6.58
C TYR A 74 -13.15 -14.81 5.50
N LEU A 75 -13.02 -15.33 4.29
CA LEU A 75 -13.87 -14.93 3.17
C LEU A 75 -15.03 -15.92 3.11
N LEU A 76 -16.25 -15.41 3.20
CA LEU A 76 -17.43 -16.28 3.25
C LEU A 76 -18.26 -16.17 1.98
N LEU A 77 -18.25 -17.24 1.19
CA LEU A 77 -18.96 -17.26 -0.08
C LEU A 77 -20.28 -18.01 0.04
N LYS A 78 -21.38 -17.30 -0.17
CA LYS A 78 -22.72 -17.87 -0.07
C LYS A 78 -23.31 -18.08 -1.45
N GLU A 79 -24.17 -19.09 -1.58
CA GLU A 79 -24.88 -19.37 -2.83
C GLU A 79 -23.92 -19.54 -4.00
N LEU A 80 -22.92 -20.41 -3.83
CA LEU A 80 -21.84 -20.55 -4.80
C LEU A 80 -22.34 -20.75 -6.23
N GLN A 81 -21.79 -19.94 -7.14
CA GLN A 81 -22.05 -20.12 -8.56
C GLN A 81 -20.83 -20.78 -9.20
N MET A 82 -20.95 -21.10 -10.49
CA MET A 82 -19.85 -21.78 -11.18
C MET A 82 -18.69 -20.82 -11.37
N LYS A 83 -19.00 -19.55 -11.64
CA LYS A 83 -17.99 -18.54 -11.90
C LYS A 83 -17.16 -18.24 -10.65
N ASP A 84 -17.58 -18.77 -9.51
CA ASP A 84 -16.84 -18.55 -8.28
C ASP A 84 -15.60 -19.41 -8.18
N SER A 85 -15.46 -20.37 -9.08
CA SER A 85 -14.28 -21.20 -9.05
C SER A 85 -13.11 -20.33 -9.49
N ALA A 86 -12.14 -20.19 -8.59
CA ALA A 86 -10.98 -19.36 -8.82
C ALA A 86 -9.98 -19.56 -7.69
N SER A 87 -8.88 -18.83 -7.73
CA SER A 87 -7.98 -18.78 -6.59
C SER A 87 -8.27 -17.50 -5.85
N TYR A 88 -8.31 -17.58 -4.52
CA TYR A 88 -8.62 -16.43 -3.68
C TYR A 88 -7.41 -16.05 -2.84
N LEU A 89 -6.86 -14.88 -3.12
CA LEU A 89 -5.63 -14.42 -2.48
C LEU A 89 -5.90 -13.58 -1.24
N CYS A 90 -5.11 -13.83 -0.21
CA CYS A 90 -5.20 -13.08 1.04
C CYS A 90 -3.89 -12.32 1.25
N ALA A 91 -3.99 -11.03 1.59
CA ALA A 91 -2.81 -10.21 1.84
C ALA A 91 -3.07 -9.10 2.87
N SER A 92 -2.03 -8.76 3.63
CA SER A 92 -2.15 -7.73 4.66
C SER A 92 -0.95 -6.79 4.62
N MET A 93 -1.11 -5.61 5.21
CA MET A 93 -0.03 -4.62 5.29
C MET A 93 0.75 -4.69 6.61
N ASP A 94 2.05 -4.48 6.52
CA ASP A 94 2.93 -4.42 7.69
C ASP A 94 2.76 -3.11 8.43
N SER A 95 3.58 -2.90 9.46
CA SER A 95 3.63 -1.60 10.14
C SER A 95 4.05 -0.54 9.14
N ASN A 96 5.12 -0.84 8.40
CA ASN A 96 5.42 -0.11 7.17
C ASN A 96 4.41 -0.62 6.15
N TYR A 97 4.15 0.16 5.12
CA TYR A 97 2.96 -0.07 4.31
C TYR A 97 3.11 -1.19 3.27
N GLN A 98 4.24 -1.90 3.35
CA GLN A 98 4.51 -3.07 2.51
C GLN A 98 3.41 -4.13 2.57
N LEU A 99 3.22 -4.84 1.47
CA LEU A 99 2.12 -5.78 1.32
C LEU A 99 2.60 -7.24 1.23
N ILE A 100 2.06 -8.10 2.10
CA ILE A 100 2.46 -9.51 2.16
C ILE A 100 1.41 -10.42 1.56
N TRP A 101 1.78 -11.18 0.54
CA TRP A 101 0.83 -12.01 -0.20
C TRP A 101 0.88 -13.49 0.19
N GLY A 102 -0.27 -14.05 0.54
CA GLY A 102 -0.36 -15.47 0.79
C GLY A 102 -0.62 -16.25 -0.49
N ALA A 103 -0.09 -17.47 -0.57
CA ALA A 103 -0.38 -18.32 -1.71
C ALA A 103 -1.83 -18.72 -1.59
N GLY A 104 -2.62 -18.43 -2.61
CA GLY A 104 -4.07 -18.44 -2.49
C GLY A 104 -4.72 -19.78 -2.19
N THR A 105 -6.03 -19.76 -2.04
CA THR A 105 -6.81 -20.97 -1.90
C THR A 105 -7.57 -21.22 -3.20
N LYS A 106 -7.24 -22.31 -3.89
CA LYS A 106 -7.93 -22.64 -5.12
C LYS A 106 -9.27 -23.26 -4.77
N LEU A 107 -10.34 -22.60 -5.21
CA LEU A 107 -11.68 -23.06 -4.92
C LEU A 107 -12.24 -23.79 -6.13
N ILE A 108 -12.56 -25.06 -5.95
CA ILE A 108 -13.13 -25.86 -7.03
C ILE A 108 -14.63 -26.07 -6.81
N ILE A 109 -15.44 -25.50 -7.70
CA ILE A 109 -16.89 -25.59 -7.59
C ILE A 109 -17.47 -26.68 -8.49
N LYS A 110 -18.04 -27.72 -7.88
CA LYS A 110 -18.69 -28.79 -8.63
C LYS A 110 -20.14 -28.43 -8.92
N PRO A 111 -20.58 -28.64 -10.16
CA PRO A 111 -21.95 -28.29 -10.55
C PRO A 111 -22.98 -29.08 -9.75
N ASN A 112 -24.16 -28.49 -9.56
CA ASN A 112 -25.23 -29.18 -8.85
C ASN A 112 -26.09 -29.91 -9.86
N ILE A 113 -26.03 -31.24 -9.82
CA ILE A 113 -26.78 -32.05 -10.76
C ILE A 113 -27.90 -32.82 -10.08
N GLN A 114 -29.14 -32.41 -10.34
CA GLN A 114 -30.30 -33.03 -9.70
C GLN A 114 -30.74 -34.31 -10.40
N ASN A 115 -30.26 -34.52 -11.62
CA ASN A 115 -30.63 -35.71 -12.38
C ASN A 115 -29.43 -36.47 -12.92
N PRO A 116 -28.65 -37.08 -12.02
CA PRO A 116 -27.46 -37.84 -12.40
C PRO A 116 -27.78 -39.02 -13.30
N ASP A 117 -27.05 -39.15 -14.40
CA ASP A 117 -27.17 -40.29 -15.29
C ASP A 117 -25.80 -40.72 -15.77
N PRO A 118 -24.93 -41.13 -14.84
CA PRO A 118 -23.52 -41.43 -15.15
C PRO A 118 -23.35 -42.60 -16.11
N ALA A 119 -22.52 -42.40 -17.13
CA ALA A 119 -22.23 -43.42 -18.12
C ALA A 119 -20.86 -43.19 -18.75
N VAL A 120 -20.29 -44.22 -19.35
CA VAL A 120 -19.05 -44.08 -20.10
C VAL A 120 -19.29 -44.39 -21.57
N TYR A 121 -19.05 -43.40 -22.42
CA TYR A 121 -19.33 -43.54 -23.85
C TYR A 121 -18.05 -43.58 -24.65
N GLN A 122 -18.09 -44.26 -25.79
CA GLN A 122 -16.97 -44.33 -26.71
C GLN A 122 -17.18 -43.41 -27.90
N LEU A 123 -16.32 -42.39 -28.03
CA LEU A 123 -16.37 -41.48 -29.17
C LEU A 123 -15.73 -42.11 -30.39
N ARG A 124 -16.30 -41.87 -31.57
CA ARG A 124 -15.78 -42.44 -32.80
C ARG A 124 -14.40 -41.86 -33.11
N ASP A 125 -13.54 -42.67 -33.72
CA ASP A 125 -12.18 -42.23 -34.04
C ASP A 125 -12.18 -41.00 -34.94
N SER A 126 -11.22 -40.11 -34.73
CA SER A 126 -11.21 -38.81 -35.39
C SER A 126 -10.77 -38.83 -36.84
N LYS A 127 -9.88 -39.77 -37.18
CA LYS A 127 -9.29 -39.85 -38.51
C LYS A 127 -8.30 -38.71 -38.79
N SER A 128 -8.34 -37.67 -37.95
CA SER A 128 -7.30 -36.66 -37.93
C SER A 128 -6.31 -36.93 -36.80
N SER A 129 -6.59 -37.98 -36.02
CA SER A 129 -5.74 -38.36 -34.91
C SER A 129 -5.60 -39.88 -34.82
N ASP A 130 -4.51 -40.33 -34.20
CA ASP A 130 -4.22 -41.76 -34.07
C ASP A 130 -4.68 -42.36 -32.74
N LYS A 131 -5.34 -41.54 -31.93
CA LYS A 131 -5.73 -41.97 -30.59
C LYS A 131 -7.24 -42.07 -30.44
N SER A 132 -7.69 -42.89 -29.49
CA SER A 132 -9.11 -43.07 -29.21
C SER A 132 -9.46 -42.45 -27.86
N VAL A 133 -10.69 -41.97 -27.73
CA VAL A 133 -11.10 -41.31 -26.50
C VAL A 133 -12.38 -41.89 -25.91
N CYS A 134 -12.43 -41.91 -24.58
CA CYS A 134 -13.61 -42.38 -23.85
C CYS A 134 -14.14 -41.26 -22.96
N LEU A 135 -15.45 -41.13 -22.91
CA LEU A 135 -16.07 -40.05 -22.15
C LEU A 135 -16.88 -40.57 -20.97
N PHE A 136 -16.58 -40.04 -19.79
CA PHE A 136 -17.35 -40.35 -18.58
C PHE A 136 -18.06 -39.08 -18.19
N THR A 137 -19.39 -39.13 -18.10
CA THR A 137 -20.18 -37.92 -17.89
C THR A 137 -21.50 -38.14 -17.16
N ASP A 138 -22.09 -37.03 -16.70
CA ASP A 138 -23.38 -37.03 -16.03
C ASP A 138 -23.35 -37.73 -14.68
N PHE A 139 -22.21 -37.62 -13.99
CA PHE A 139 -22.08 -38.15 -12.62
C PHE A 139 -22.18 -37.04 -11.58
N ASP A 140 -22.72 -37.38 -10.42
CA ASP A 140 -22.92 -36.41 -9.34
C ASP A 140 -21.59 -36.00 -8.69
N SER A 141 -21.69 -35.11 -7.71
CA SER A 141 -20.50 -34.60 -7.03
C SER A 141 -19.90 -35.62 -6.07
N GLN A 142 -20.70 -36.63 -5.73
CA GLN A 142 -20.27 -37.68 -4.80
C GLN A 142 -19.47 -38.77 -5.51
N THR A 143 -19.35 -38.63 -6.83
CA THR A 143 -18.59 -39.57 -7.65
C THR A 143 -17.15 -39.11 -7.83
N ASN A 144 -16.21 -40.05 -7.64
CA ASN A 144 -14.79 -39.73 -7.76
C ASN A 144 -14.12 -40.50 -8.89
N VAL A 145 -13.57 -39.77 -9.85
CA VAL A 145 -12.83 -40.39 -10.96
C VAL A 145 -11.34 -40.09 -10.86
N SER A 146 -10.54 -41.14 -10.64
CA SER A 146 -9.10 -40.97 -10.46
C SER A 146 -8.34 -41.18 -11.77
N GLN A 147 -7.01 -41.03 -11.70
CA GLN A 147 -6.17 -41.17 -12.88
C GLN A 147 -5.92 -42.64 -13.20
N SER A 148 -5.19 -42.90 -14.28
CA SER A 148 -4.94 -44.26 -14.74
C SER A 148 -3.61 -44.78 -14.24
N LYS A 149 -3.57 -46.07 -13.90
CA LYS A 149 -2.34 -46.71 -13.46
C LYS A 149 -1.40 -46.95 -14.64
N ASP A 150 -1.90 -46.70 -15.85
CA ASP A 150 -1.12 -46.87 -17.07
C ASP A 150 -0.48 -45.56 -17.50
N SER A 151 0.82 -45.59 -17.75
CA SER A 151 1.58 -44.41 -18.15
C SER A 151 1.27 -43.99 -19.58
N ASP A 152 0.75 -44.93 -20.37
CA ASP A 152 0.40 -44.66 -21.76
C ASP A 152 -1.06 -44.21 -21.89
N VAL A 153 -1.75 -44.07 -20.77
CA VAL A 153 -3.15 -43.65 -20.78
C VAL A 153 -3.38 -42.35 -20.02
N TYR A 154 -4.06 -41.40 -20.65
CA TYR A 154 -4.26 -40.09 -20.05
C TYR A 154 -5.73 -39.83 -19.70
N ILE A 155 -5.98 -39.42 -18.47
CA ILE A 155 -7.33 -39.11 -18.02
C ILE A 155 -7.37 -37.71 -17.42
N THR A 156 -8.35 -36.92 -17.83
CA THR A 156 -8.49 -35.57 -17.30
C THR A 156 -9.89 -35.25 -16.80
N ASP A 157 -10.02 -35.11 -15.49
CA ASP A 157 -11.19 -34.52 -14.86
C ASP A 157 -10.87 -33.06 -14.52
N LYS A 158 -11.74 -32.45 -13.74
CA LYS A 158 -11.49 -31.10 -13.23
C LYS A 158 -11.53 -30.02 -14.31
N CYS A 159 -12.30 -30.25 -15.36
CA CYS A 159 -12.50 -29.22 -16.38
C CYS A 159 -13.30 -28.07 -15.80
N VAL A 160 -13.06 -26.86 -16.29
CA VAL A 160 -13.76 -25.69 -15.80
C VAL A 160 -14.73 -25.14 -16.85
N LEU A 161 -15.94 -24.81 -16.41
CA LEU A 161 -16.95 -24.23 -17.30
C LEU A 161 -16.47 -22.89 -17.85
N ASP A 162 -16.93 -22.57 -19.06
CA ASP A 162 -16.68 -21.25 -19.63
C ASP A 162 -17.47 -20.24 -18.84
N MET A 163 -16.89 -19.06 -18.61
CA MET A 163 -17.51 -18.05 -17.75
C MET A 163 -18.88 -17.59 -18.24
N ARG A 164 -19.07 -17.55 -19.56
CA ARG A 164 -20.42 -17.43 -20.06
C ARG A 164 -20.84 -18.79 -20.58
N SER A 165 -21.61 -19.51 -19.76
CA SER A 165 -22.26 -20.73 -20.20
C SER A 165 -23.66 -20.74 -19.61
N MET A 166 -24.68 -20.60 -20.45
CA MET A 166 -26.06 -20.63 -19.99
C MET A 166 -26.64 -22.04 -19.92
N ASP A 167 -26.03 -22.96 -20.67
CA ASP A 167 -26.63 -24.28 -20.86
C ASP A 167 -25.63 -25.42 -20.75
N PHE A 168 -26.14 -26.61 -20.47
CA PHE A 168 -25.36 -27.84 -20.49
C PHE A 168 -24.19 -27.84 -19.52
N LYS A 169 -24.43 -27.40 -18.29
CA LYS A 169 -23.40 -27.50 -17.27
C LYS A 169 -23.40 -28.94 -16.79
N SER A 170 -22.30 -29.65 -17.02
CA SER A 170 -22.21 -31.07 -16.70
C SER A 170 -20.78 -31.50 -16.38
N ASN A 171 -20.64 -32.43 -15.44
CA ASN A 171 -19.34 -33.00 -15.11
C ASN A 171 -18.91 -34.01 -16.17
N SER A 172 -17.64 -33.97 -16.55
CA SER A 172 -17.13 -34.94 -17.51
C SER A 172 -15.63 -35.18 -17.35
N ALA A 173 -15.22 -36.42 -17.63
CA ALA A 173 -13.81 -36.78 -17.57
C ALA A 173 -13.45 -37.53 -18.84
N VAL A 174 -12.26 -37.27 -19.36
CA VAL A 174 -11.85 -37.85 -20.64
C VAL A 174 -10.62 -38.74 -20.50
N ALA A 175 -10.60 -39.83 -21.25
CA ALA A 175 -9.47 -40.75 -21.28
C ALA A 175 -9.10 -41.05 -22.73
N TRP A 176 -7.81 -41.13 -23.01
CA TRP A 176 -7.34 -41.42 -24.36
C TRP A 176 -5.96 -42.09 -24.37
N SER A 177 -5.62 -42.71 -25.49
CA SER A 177 -4.31 -43.33 -25.66
C SER A 177 -4.13 -43.95 -27.06
N ASN A 178 -2.89 -44.25 -27.40
CA ASN A 178 -2.57 -44.94 -28.65
C ASN A 178 -2.71 -46.46 -28.59
N LYS A 179 -2.44 -47.04 -27.43
CA LYS A 179 -2.38 -48.50 -27.27
C LYS A 179 -3.68 -49.21 -27.66
N SER A 180 -3.54 -50.41 -28.22
CA SER A 180 -4.68 -51.21 -28.65
C SER A 180 -5.44 -51.81 -27.47
N ASP A 181 -4.76 -51.98 -26.35
CA ASP A 181 -5.37 -52.56 -25.16
C ASP A 181 -6.37 -51.61 -24.51
N PHE A 182 -6.42 -50.38 -25.02
CA PHE A 182 -7.32 -49.37 -24.47
C PHE A 182 -8.76 -49.60 -24.92
N ALA A 183 -9.66 -49.72 -23.95
CA ALA A 183 -11.08 -49.89 -24.22
C ALA A 183 -11.88 -49.05 -23.26
N CYS A 184 -13.10 -48.68 -23.65
CA CYS A 184 -13.93 -47.84 -22.80
C CYS A 184 -14.52 -48.62 -21.63
N ALA A 185 -14.31 -49.93 -21.64
CA ALA A 185 -14.74 -50.78 -20.53
C ALA A 185 -13.77 -50.69 -19.36
N ASN A 186 -12.48 -50.74 -19.65
CA ASN A 186 -11.44 -50.72 -18.63
C ASN A 186 -10.84 -49.34 -18.39
N ALA A 187 -11.30 -48.35 -19.16
CA ALA A 187 -10.72 -47.02 -19.08
C ALA A 187 -10.92 -46.38 -17.72
N PHE A 188 -12.15 -46.44 -17.23
CA PHE A 188 -12.53 -45.84 -15.95
C PHE A 188 -12.54 -46.77 -14.74
N ASN A 189 -12.03 -47.99 -14.92
CA ASN A 189 -12.00 -48.99 -13.85
C ASN A 189 -11.37 -48.46 -12.55
N ASN A 190 -11.87 -48.96 -11.43
CA ASN A 190 -11.37 -48.56 -10.12
C ASN A 190 -11.62 -47.10 -9.82
N SER A 191 -12.73 -46.57 -10.32
CA SER A 191 -13.20 -45.25 -9.95
C SER A 191 -14.33 -45.44 -8.97
N ILE A 192 -14.40 -44.59 -7.94
CA ILE A 192 -15.47 -44.71 -6.97
C ILE A 192 -16.76 -44.33 -7.67
N ILE A 193 -17.71 -45.27 -7.68
CA ILE A 193 -18.87 -45.17 -8.56
C ILE A 193 -20.14 -45.62 -7.87
N PRO A 194 -21.26 -44.95 -8.19
CA PRO A 194 -22.59 -45.28 -7.65
C PRO A 194 -23.22 -46.44 -8.40
N GLU A 195 -24.41 -46.84 -7.97
CA GLU A 195 -25.14 -47.89 -8.65
C GLU A 195 -25.83 -47.34 -9.90
N ASP A 196 -25.97 -48.20 -10.91
CA ASP A 196 -26.68 -47.89 -12.16
C ASP A 196 -25.82 -47.16 -13.22
N THR A 197 -24.58 -46.83 -12.88
CA THR A 197 -23.69 -46.18 -13.84
C THR A 197 -23.28 -47.16 -14.93
N PHE A 198 -23.30 -46.70 -16.18
CA PHE A 198 -23.10 -47.57 -17.33
C PHE A 198 -21.67 -47.63 -17.88
N PHE A 199 -21.16 -48.84 -18.03
CA PHE A 199 -19.92 -49.08 -18.77
C PHE A 199 -20.25 -50.01 -19.94
N PRO A 200 -19.61 -49.79 -21.10
CA PRO A 200 -19.75 -50.74 -22.21
C PRO A 200 -19.01 -52.05 -21.93
N SER A 201 -19.65 -53.18 -22.16
CA SER A 201 -19.03 -54.49 -21.90
C SER A 201 -17.92 -54.92 -22.86
N PRO A 202 -18.21 -54.94 -24.18
CA PRO A 202 -17.22 -55.45 -25.14
C PRO A 202 -16.48 -54.33 -25.85
N ALA B 4 -10.70 1.86 -19.74
CA ALA B 4 -9.57 2.17 -18.87
C ALA B 4 -8.87 0.91 -18.38
N GLY B 5 -8.09 1.05 -17.32
CA GLY B 5 -7.39 -0.08 -16.72
C GLY B 5 -5.90 -0.10 -17.02
N VAL B 6 -5.20 -1.07 -16.42
CA VAL B 6 -3.77 -1.24 -16.64
C VAL B 6 -3.50 -2.10 -17.87
N THR B 7 -2.78 -1.56 -18.84
CA THR B 7 -2.48 -2.29 -20.06
C THR B 7 -1.05 -2.83 -20.04
N GLN B 8 -0.90 -4.10 -20.42
CA GLN B 8 0.36 -4.79 -20.26
C GLN B 8 0.68 -5.64 -21.49
N THR B 9 1.90 -5.54 -21.98
CA THR B 9 2.33 -6.31 -23.15
C THR B 9 3.80 -6.70 -23.05
N PRO B 10 4.16 -7.88 -23.59
CA PRO B 10 3.24 -8.80 -24.25
C PRO B 10 2.54 -9.69 -23.23
N LYS B 11 1.61 -10.52 -23.69
CA LYS B 11 0.99 -11.50 -22.81
C LYS B 11 1.69 -12.86 -22.84
N PHE B 12 2.54 -13.08 -23.83
CA PHE B 12 3.27 -14.33 -23.96
C PHE B 12 4.67 -14.08 -24.53
N GLN B 13 5.69 -14.70 -23.92
CA GLN B 13 7.03 -14.67 -24.49
C GLN B 13 7.84 -15.93 -24.22
N VAL B 14 8.52 -16.42 -25.25
CA VAL B 14 9.53 -17.45 -25.08
C VAL B 14 10.88 -16.80 -25.35
N LEU B 15 11.86 -17.12 -24.50
CA LEU B 15 13.20 -16.55 -24.62
C LEU B 15 14.27 -17.60 -24.36
N LYS B 16 15.30 -17.61 -25.19
CA LYS B 16 16.49 -18.40 -24.89
C LYS B 16 17.27 -17.65 -23.83
N THR B 17 17.87 -18.39 -22.89
CA THR B 17 18.64 -17.77 -21.81
C THR B 17 19.70 -16.82 -22.37
N GLY B 18 19.80 -15.64 -21.76
CA GLY B 18 20.75 -14.64 -22.19
C GLY B 18 20.12 -13.50 -22.96
N GLN B 19 18.89 -13.71 -23.43
CA GLN B 19 18.21 -12.68 -24.20
C GLN B 19 17.64 -11.59 -23.32
N SER B 20 17.63 -10.36 -23.85
CA SER B 20 17.04 -9.22 -23.16
C SER B 20 15.61 -9.04 -23.62
N MET B 21 14.74 -8.65 -22.70
CA MET B 21 13.35 -8.39 -23.03
C MET B 21 12.76 -7.36 -22.08
N THR B 22 11.80 -6.58 -22.56
CA THR B 22 11.16 -5.58 -21.73
C THR B 22 9.64 -5.67 -21.80
N LEU B 23 8.99 -5.62 -20.65
CA LEU B 23 7.53 -5.68 -20.59
C LEU B 23 6.96 -4.28 -20.47
N GLN B 24 5.97 -3.98 -21.32
CA GLN B 24 5.32 -2.66 -21.31
C GLN B 24 4.10 -2.62 -20.39
N CYS B 25 3.99 -1.57 -19.59
CA CYS B 25 2.81 -1.36 -18.75
C CYS B 25 2.36 0.10 -18.76
N ALA B 26 1.08 0.31 -19.04
CA ALA B 26 0.53 1.67 -19.05
C ALA B 26 -0.76 1.73 -18.24
N GLN B 27 -0.92 2.82 -17.49
CA GLN B 27 -2.10 3.00 -16.66
C GLN B 27 -2.92 4.22 -17.09
N ASP B 28 -4.20 3.98 -17.38
CA ASP B 28 -5.09 4.99 -17.94
C ASP B 28 -5.87 5.69 -16.84
N MET B 29 -5.61 5.28 -15.60
CA MET B 29 -6.42 5.72 -14.45
C MET B 29 -5.84 6.93 -13.74
N ASN B 30 -4.76 7.49 -14.26
CA ASN B 30 -4.15 8.67 -13.67
C ASN B 30 -3.66 8.40 -12.25
N HIS B 31 -3.21 7.18 -12.01
CA HIS B 31 -2.71 6.80 -10.70
C HIS B 31 -1.30 7.31 -10.48
N ASN B 32 -0.76 7.08 -9.28
CA ASN B 32 0.59 7.49 -8.94
C ASN B 32 1.53 6.29 -8.81
N SER B 33 1.23 5.42 -7.85
CA SER B 33 2.03 4.22 -7.61
C SER B 33 1.86 3.17 -8.70
N MET B 34 2.97 2.51 -9.04
CA MET B 34 2.94 1.37 -9.94
C MET B 34 3.85 0.25 -9.45
N TYR B 35 3.42 -0.99 -9.66
CA TYR B 35 4.17 -2.14 -9.17
C TYR B 35 4.44 -3.16 -10.27
N TRP B 36 5.42 -4.03 -10.04
CA TRP B 36 5.64 -5.18 -10.88
C TRP B 36 5.70 -6.43 -10.01
N TYR B 37 4.78 -7.36 -10.26
CA TYR B 37 4.69 -8.57 -9.48
C TYR B 37 5.04 -9.80 -10.30
N ARG B 38 5.58 -10.81 -9.63
CA ARG B 38 5.89 -12.09 -10.25
C ARG B 38 5.11 -13.18 -9.54
N GLN B 39 4.28 -13.90 -10.28
CA GLN B 39 3.44 -14.93 -9.67
C GLN B 39 3.90 -16.33 -10.05
N ASP B 40 4.17 -17.14 -9.03
CA ASP B 40 4.60 -18.52 -9.25
C ASP B 40 3.75 -19.50 -8.45
N PRO B 41 3.70 -20.76 -8.91
CA PRO B 41 2.93 -21.81 -8.25
C PRO B 41 3.42 -22.09 -6.83
N GLY B 42 2.50 -22.12 -5.88
CA GLY B 42 2.83 -22.41 -4.50
C GLY B 42 3.32 -21.21 -3.71
N MET B 43 3.22 -20.04 -4.31
CA MET B 43 3.70 -18.81 -3.66
C MET B 43 2.75 -17.64 -3.90
N GLY B 44 2.54 -16.85 -2.85
CA GLY B 44 1.84 -15.59 -2.99
C GLY B 44 2.67 -14.62 -3.83
N LEU B 45 2.01 -13.64 -4.42
CA LEU B 45 2.68 -12.68 -5.30
C LEU B 45 3.89 -12.02 -4.62
N ARG B 46 4.99 -11.93 -5.36
CA ARG B 46 6.17 -11.25 -4.86
C ARG B 46 6.41 -9.97 -5.67
N LEU B 47 6.87 -8.92 -5.00
CA LEU B 47 7.11 -7.65 -5.65
C LEU B 47 8.58 -7.52 -6.03
N ILE B 48 8.85 -7.40 -7.33
CA ILE B 48 10.21 -7.20 -7.81
C ILE B 48 10.66 -5.75 -7.70
N TYR B 49 9.79 -4.84 -8.11
CA TYR B 49 10.08 -3.41 -8.13
C TYR B 49 8.78 -2.63 -8.04
N TYR B 50 8.86 -1.38 -7.59
CA TYR B 50 7.70 -0.51 -7.57
C TYR B 50 8.12 0.94 -7.70
N SER B 51 7.14 1.84 -7.81
CA SER B 51 7.39 3.28 -7.76
C SER B 51 6.25 4.03 -7.09
N ALA B 52 6.58 4.89 -6.13
CA ALA B 52 5.57 5.66 -5.42
C ALA B 52 4.87 6.62 -6.39
N SER B 53 5.68 7.33 -7.16
CA SER B 53 5.18 8.22 -8.21
C SER B 53 6.26 8.39 -9.26
N GLU B 54 5.97 9.15 -10.31
CA GLU B 54 6.92 9.33 -11.40
C GLU B 54 8.18 10.03 -10.90
N GLY B 55 9.34 9.55 -11.34
CA GLY B 55 10.60 10.15 -10.96
C GLY B 55 11.28 9.42 -9.83
N THR B 56 10.62 8.41 -9.28
CA THR B 56 11.21 7.61 -8.23
C THR B 56 10.78 6.15 -8.32
N THR B 57 11.74 5.24 -8.13
CA THR B 57 11.47 3.81 -8.08
C THR B 57 12.37 3.15 -7.04
N ASP B 58 11.98 1.98 -6.56
CA ASP B 58 12.77 1.28 -5.56
C ASP B 58 12.60 -0.24 -5.63
N LYS B 59 13.65 -0.96 -5.29
CA LYS B 59 13.65 -2.42 -5.34
C LYS B 59 12.62 -3.02 -4.40
N GLY B 60 12.10 -4.18 -4.78
CA GLY B 60 11.12 -4.91 -3.98
C GLY B 60 11.74 -6.09 -3.27
N GLU B 61 10.94 -7.13 -3.07
CA GLU B 61 11.38 -8.35 -2.42
C GLU B 61 12.42 -9.12 -3.22
N VAL B 62 12.23 -9.22 -4.52
CA VAL B 62 13.14 -9.98 -5.37
C VAL B 62 13.55 -9.20 -6.62
N PRO B 63 14.37 -8.15 -6.43
CA PRO B 63 14.88 -7.30 -7.50
C PRO B 63 15.95 -8.00 -8.34
N ASN B 64 16.55 -9.06 -7.80
CA ASN B 64 17.70 -9.70 -8.44
C ASN B 64 17.41 -10.20 -9.85
N GLY B 65 18.19 -9.73 -10.81
CA GLY B 65 18.02 -10.11 -12.20
C GLY B 65 17.06 -9.22 -12.97
N TYR B 66 16.66 -8.11 -12.36
CA TYR B 66 15.67 -7.23 -12.97
C TYR B 66 16.04 -5.75 -12.86
N ASN B 67 15.47 -4.95 -13.76
CA ASN B 67 15.60 -3.51 -13.70
C ASN B 67 14.23 -2.89 -13.93
N VAL B 68 14.13 -1.56 -13.81
CA VAL B 68 12.85 -0.90 -14.05
C VAL B 68 13.01 0.58 -14.35
N SER B 69 12.02 1.17 -15.01
CA SER B 69 12.02 2.60 -15.27
C SER B 69 10.62 3.19 -15.38
N ARG B 70 10.44 4.40 -14.87
CA ARG B 70 9.20 5.14 -15.08
C ARG B 70 9.39 6.22 -16.13
N LEU B 71 8.74 6.03 -17.28
CA LEU B 71 8.84 6.96 -18.40
C LEU B 71 7.93 8.14 -18.15
N ASN B 72 6.63 7.87 -18.11
CA ASN B 72 5.64 8.88 -17.77
C ASN B 72 4.95 8.50 -16.47
N LYS B 73 3.98 9.31 -16.05
CA LYS B 73 3.15 8.93 -14.92
C LYS B 73 2.27 7.76 -15.34
N ARG B 74 2.14 7.60 -16.65
CA ARG B 74 1.35 6.53 -17.24
C ARG B 74 2.08 5.19 -17.36
N GLU B 75 3.38 5.22 -17.62
CA GLU B 75 4.11 4.00 -18.03
C GLU B 75 5.22 3.53 -17.09
N PHE B 76 5.20 2.23 -16.78
CA PHE B 76 6.22 1.62 -15.95
C PHE B 76 6.69 0.32 -16.60
N SER B 77 7.94 0.27 -17.05
CA SER B 77 8.41 -0.86 -17.82
C SER B 77 9.36 -1.75 -17.04
N LEU B 78 9.22 -3.06 -17.23
CA LEU B 78 10.03 -4.04 -16.54
C LEU B 78 11.07 -4.59 -17.52
N ARG B 79 12.34 -4.52 -17.13
CA ARG B 79 13.41 -4.97 -18.04
C ARG B 79 14.31 -6.02 -17.41
N LEU B 80 14.50 -7.12 -18.12
CA LEU B 80 15.48 -8.12 -17.74
C LEU B 80 16.53 -8.28 -18.84
N GLU B 81 17.74 -7.81 -18.58
CA GLU B 81 18.78 -7.75 -19.60
C GLU B 81 19.29 -9.12 -20.02
N SER B 82 19.57 -9.96 -19.03
CA SER B 82 19.97 -11.35 -19.30
C SER B 82 18.91 -12.31 -18.77
N ALA B 83 18.24 -12.99 -19.67
CA ALA B 83 17.19 -13.93 -19.29
C ALA B 83 17.78 -15.19 -18.67
N ALA B 84 17.10 -15.71 -17.65
CA ALA B 84 17.52 -16.95 -17.01
C ALA B 84 16.30 -17.85 -16.83
N PRO B 85 16.53 -19.17 -16.80
CA PRO B 85 15.45 -20.15 -16.64
C PRO B 85 14.67 -19.93 -15.35
N SER B 86 15.35 -19.43 -14.32
CA SER B 86 14.71 -19.17 -13.03
C SER B 86 13.70 -18.04 -13.12
N GLN B 87 13.75 -17.30 -14.22
CA GLN B 87 12.88 -16.13 -14.41
C GLN B 87 11.58 -16.48 -15.13
N THR B 88 11.36 -17.77 -15.35
CA THR B 88 10.13 -18.21 -15.99
C THR B 88 8.98 -18.04 -15.00
N SER B 89 8.01 -17.22 -15.39
CA SER B 89 6.87 -16.93 -14.53
C SER B 89 5.81 -16.13 -15.25
N VAL B 90 4.73 -15.82 -14.54
CA VAL B 90 3.70 -14.92 -15.05
C VAL B 90 3.87 -13.58 -14.35
N TYR B 91 4.21 -12.56 -15.13
CA TYR B 91 4.49 -11.24 -14.57
C TYR B 91 3.27 -10.33 -14.60
N PHE B 92 2.91 -9.82 -13.43
CA PHE B 92 1.78 -8.90 -13.31
C PHE B 92 2.23 -7.47 -13.02
N CYS B 93 1.82 -6.55 -13.88
CA CYS B 93 2.05 -5.14 -13.63
C CYS B 93 0.79 -4.56 -12.99
N ALA B 94 0.94 -4.00 -11.78
CA ALA B 94 -0.20 -3.49 -11.03
C ALA B 94 -0.10 -1.98 -10.81
N SER B 95 -1.24 -1.35 -10.57
CA SER B 95 -1.32 0.09 -10.40
C SER B 95 -2.31 0.48 -9.31
N SER B 96 -1.90 1.35 -8.40
CA SER B 96 -2.80 1.87 -7.39
C SER B 96 -2.71 3.39 -7.36
N GLU B 97 -3.80 4.04 -6.94
CA GLU B 97 -3.88 5.50 -6.95
C GLU B 97 -2.77 6.12 -6.12
N THR B 98 -2.59 5.60 -4.92
CA THR B 98 -1.52 6.07 -4.04
C THR B 98 -1.08 4.99 -3.07
N ASP B 99 0.18 5.06 -2.64
CA ASP B 99 0.68 4.23 -1.57
C ASP B 99 0.33 4.96 -0.28
N PRO B 100 -0.01 4.21 0.78
CA PRO B 100 -0.11 2.76 0.91
C PRO B 100 -1.24 2.07 0.16
N ASN B 101 -2.46 2.62 0.19
CA ASN B 101 -3.62 1.76 -0.01
C ASN B 101 -3.63 1.23 -1.44
N THR B 102 -3.44 -0.08 -1.54
CA THR B 102 -3.31 -0.74 -2.83
C THR B 102 -4.69 -1.00 -3.39
N GLY B 103 -5.58 -1.52 -2.55
CA GLY B 103 -6.95 -1.79 -2.93
C GLY B 103 -7.76 -0.51 -3.04
N GLU B 104 -8.48 -0.38 -4.15
CA GLU B 104 -8.46 -1.40 -5.18
C GLU B 104 -7.17 -1.37 -6.01
N LEU B 105 -6.44 -2.47 -6.00
CA LEU B 105 -5.22 -2.60 -6.78
C LEU B 105 -5.58 -3.13 -8.15
N PHE B 106 -5.05 -2.51 -9.19
CA PHE B 106 -5.37 -2.90 -10.56
C PHE B 106 -4.20 -3.63 -11.20
N PHE B 107 -4.47 -4.81 -11.73
CA PHE B 107 -3.44 -5.65 -12.32
C PHE B 107 -3.53 -5.66 -13.84
N GLY B 108 -2.38 -5.83 -14.49
CA GLY B 108 -2.35 -6.02 -15.94
C GLY B 108 -2.94 -7.37 -16.28
N GLU B 109 -3.16 -7.61 -17.58
CA GLU B 109 -3.73 -8.88 -18.03
C GLU B 109 -2.84 -10.05 -17.66
N GLY B 110 -1.58 -9.75 -17.35
CA GLY B 110 -0.60 -10.77 -17.04
C GLY B 110 0.28 -11.04 -18.24
N SER B 111 1.54 -11.38 -17.96
CA SER B 111 2.52 -11.64 -19.00
C SER B 111 3.17 -12.99 -18.77
N ARG B 112 2.98 -13.92 -19.71
CA ARG B 112 3.45 -15.30 -19.51
C ARG B 112 4.84 -15.53 -20.11
N LEU B 113 5.82 -15.73 -19.24
CA LEU B 113 7.22 -15.83 -19.65
C LEU B 113 7.83 -17.20 -19.39
N THR B 114 8.35 -17.82 -20.45
CA THR B 114 9.06 -19.09 -20.31
C THR B 114 10.45 -18.98 -20.91
N VAL B 115 11.48 -19.29 -20.11
CA VAL B 115 12.86 -19.16 -20.54
C VAL B 115 13.55 -20.50 -20.70
N LEU B 116 13.90 -20.83 -21.95
CA LEU B 116 14.48 -22.11 -22.27
C LEU B 116 15.94 -21.96 -22.71
N GLU B 117 16.76 -22.93 -22.37
CA GLU B 117 18.16 -22.92 -22.83
C GLU B 117 18.21 -23.10 -24.33
N ASP B 118 17.35 -23.96 -24.86
CA ASP B 118 17.29 -24.21 -26.29
C ASP B 118 15.84 -24.15 -26.77
N LEU B 119 15.63 -23.60 -27.96
CA LEU B 119 14.29 -23.51 -28.54
C LEU B 119 13.99 -24.77 -29.34
N LYS B 120 14.93 -25.71 -29.34
CA LYS B 120 14.81 -26.93 -30.11
C LYS B 120 13.60 -27.76 -29.68
N ASN B 121 13.09 -27.49 -28.49
CA ASN B 121 11.93 -28.23 -27.99
C ASN B 121 10.59 -27.55 -28.26
N VAL B 122 10.60 -26.34 -28.81
CA VAL B 122 9.37 -25.60 -29.02
C VAL B 122 8.52 -26.22 -30.12
N PHE B 123 7.29 -26.60 -29.79
CA PHE B 123 6.39 -27.22 -30.75
C PHE B 123 4.96 -26.72 -30.58
N PRO B 124 4.26 -26.53 -31.71
CA PRO B 124 2.83 -26.23 -31.70
C PRO B 124 2.03 -27.50 -31.43
N PRO B 125 0.79 -27.33 -30.95
CA PRO B 125 -0.06 -28.47 -30.56
C PRO B 125 -0.63 -29.22 -31.75
N GLU B 126 -0.81 -30.53 -31.58
CA GLU B 126 -1.54 -31.33 -32.54
C GLU B 126 -2.99 -31.37 -32.09
N VAL B 127 -3.90 -30.87 -32.92
CA VAL B 127 -5.28 -30.73 -32.53
C VAL B 127 -6.17 -31.72 -33.26
N ALA B 128 -7.03 -32.41 -32.52
CA ALA B 128 -7.96 -33.37 -33.10
C ALA B 128 -9.29 -33.33 -32.35
N VAL B 129 -10.39 -33.42 -33.10
CA VAL B 129 -11.70 -33.49 -32.48
C VAL B 129 -12.31 -34.85 -32.71
N PHE B 130 -13.14 -35.29 -31.76
CA PHE B 130 -13.79 -36.58 -31.85
C PHE B 130 -15.30 -36.39 -31.76
N GLU B 131 -16.01 -36.95 -32.73
CA GLU B 131 -17.46 -36.81 -32.81
C GLU B 131 -18.15 -37.53 -31.65
N PRO B 132 -19.36 -37.07 -31.30
CA PRO B 132 -20.15 -37.60 -30.18
C PRO B 132 -20.46 -39.08 -30.33
N SER B 133 -20.63 -39.78 -29.20
CA SER B 133 -20.99 -41.19 -29.23
C SER B 133 -22.44 -41.39 -29.63
N GLU B 134 -22.69 -42.44 -30.40
CA GLU B 134 -24.05 -42.77 -30.83
C GLU B 134 -24.89 -43.16 -29.63
N ALA B 135 -24.24 -43.76 -28.63
CA ALA B 135 -24.92 -44.21 -27.43
C ALA B 135 -25.38 -43.05 -26.56
N GLU B 136 -24.59 -41.97 -26.54
CA GLU B 136 -24.91 -40.80 -25.75
C GLU B 136 -26.16 -40.09 -26.26
N ILE B 137 -26.22 -39.89 -27.57
CA ILE B 137 -27.31 -39.15 -28.20
C ILE B 137 -28.68 -39.75 -27.94
N SER B 138 -28.82 -41.05 -28.18
CA SER B 138 -30.11 -41.72 -27.98
C SER B 138 -30.50 -41.78 -26.50
N HIS B 139 -29.50 -41.98 -25.65
CA HIS B 139 -29.72 -42.10 -24.21
C HIS B 139 -30.05 -40.77 -23.54
N THR B 140 -29.18 -39.78 -23.70
CA THR B 140 -29.34 -38.48 -23.04
C THR B 140 -29.94 -37.37 -23.91
N GLN B 141 -30.16 -37.65 -25.19
CA GLN B 141 -30.61 -36.63 -26.13
C GLN B 141 -29.64 -35.45 -26.23
N LYS B 142 -28.37 -35.70 -25.89
CA LYS B 142 -27.33 -34.69 -25.96
C LYS B 142 -26.10 -35.23 -26.68
N ALA B 143 -25.23 -34.34 -27.15
CA ALA B 143 -24.05 -34.75 -27.89
C ALA B 143 -22.77 -34.04 -27.43
N THR B 144 -21.80 -34.82 -26.97
CA THR B 144 -20.56 -34.28 -26.44
C THR B 144 -19.40 -34.45 -27.42
N LEU B 145 -18.91 -33.33 -27.96
CA LEU B 145 -17.70 -33.35 -28.78
C LEU B 145 -16.48 -33.18 -27.90
N VAL B 146 -15.39 -33.84 -28.26
CA VAL B 146 -14.15 -33.74 -27.47
C VAL B 146 -12.98 -33.27 -28.31
N CYS B 147 -12.26 -32.27 -27.82
CA CYS B 147 -11.06 -31.79 -28.48
C CYS B 147 -9.80 -32.10 -27.69
N LEU B 148 -8.73 -32.46 -28.40
CA LEU B 148 -7.45 -32.75 -27.76
C LEU B 148 -6.32 -31.97 -28.42
N ALA B 149 -5.62 -31.16 -27.62
CA ALA B 149 -4.41 -30.50 -28.08
C ALA B 149 -3.21 -31.20 -27.46
N THR B 150 -2.45 -31.92 -28.27
CA THR B 150 -1.39 -32.76 -27.72
C THR B 150 0.01 -32.34 -28.17
N GLY B 151 1.01 -32.73 -27.38
CA GLY B 151 2.40 -32.55 -27.73
C GLY B 151 2.85 -31.14 -28.04
N PHE B 152 2.46 -30.18 -27.21
CA PHE B 152 2.86 -28.79 -27.42
C PHE B 152 3.75 -28.31 -26.27
N TYR B 153 4.53 -27.26 -26.52
CA TYR B 153 5.51 -26.79 -25.56
C TYR B 153 6.19 -25.52 -26.07
N PRO B 154 6.39 -24.54 -25.19
CA PRO B 154 5.99 -24.55 -23.77
C PRO B 154 4.48 -24.38 -23.66
N ASP B 155 3.96 -24.17 -22.45
CA ASP B 155 2.52 -24.08 -22.35
C ASP B 155 2.18 -22.62 -22.57
N HIS B 156 1.82 -22.31 -23.82
CA HIS B 156 1.15 -21.08 -24.16
C HIS B 156 0.10 -21.50 -25.17
N VAL B 157 -1.15 -21.53 -24.75
CA VAL B 157 -2.23 -21.93 -25.64
C VAL B 157 -3.55 -21.34 -25.17
N GLU B 158 -4.43 -21.05 -26.11
CA GLU B 158 -5.79 -20.70 -25.77
C GLU B 158 -6.71 -21.50 -26.67
N LEU B 159 -7.49 -22.39 -26.05
CA LEU B 159 -8.38 -23.24 -26.81
C LEU B 159 -9.79 -22.65 -26.80
N SER B 160 -10.47 -22.77 -27.93
CA SER B 160 -11.80 -22.22 -28.09
C SER B 160 -12.62 -23.10 -29.03
N TRP B 161 -13.95 -22.96 -28.97
CA TRP B 161 -14.83 -23.74 -29.82
C TRP B 161 -15.60 -22.84 -30.79
N TRP B 162 -15.65 -23.25 -32.05
CA TRP B 162 -16.34 -22.48 -33.09
C TRP B 162 -17.39 -23.32 -33.80
N VAL B 163 -18.60 -22.79 -33.90
CA VAL B 163 -19.66 -23.47 -34.62
C VAL B 163 -20.27 -22.58 -35.70
N ASN B 164 -20.07 -22.95 -36.96
CA ASN B 164 -20.52 -22.16 -38.08
C ASN B 164 -19.85 -20.79 -38.12
N GLY B 165 -18.55 -20.76 -37.87
CA GLY B 165 -17.77 -19.54 -38.00
C GLY B 165 -17.86 -18.60 -36.82
N LYS B 166 -18.79 -18.88 -35.91
CA LYS B 166 -18.97 -18.06 -34.71
C LYS B 166 -18.45 -18.79 -33.47
N GLU B 167 -17.88 -18.05 -32.54
CA GLU B 167 -17.36 -18.64 -31.32
C GLU B 167 -18.48 -18.93 -30.33
N VAL B 168 -18.49 -20.15 -29.80
CA VAL B 168 -19.50 -20.53 -28.81
C VAL B 168 -18.86 -20.76 -27.44
N HIS B 169 -19.64 -20.50 -26.41
CA HIS B 169 -19.17 -20.59 -25.03
C HIS B 169 -19.99 -21.63 -24.24
N SER B 170 -21.29 -21.41 -24.17
CA SER B 170 -22.18 -22.36 -23.48
C SER B 170 -21.99 -23.78 -24.00
N GLY B 171 -21.82 -24.71 -23.07
CA GLY B 171 -21.57 -26.11 -23.41
C GLY B 171 -20.10 -26.45 -23.46
N VAL B 172 -19.24 -25.45 -23.31
CA VAL B 172 -17.80 -25.64 -23.38
C VAL B 172 -17.18 -25.84 -22.00
N CYS B 173 -16.42 -26.92 -21.84
CA CYS B 173 -15.66 -27.15 -20.63
C CYS B 173 -14.24 -27.57 -20.98
N THR B 174 -13.27 -26.74 -20.59
CA THR B 174 -11.88 -26.98 -20.94
C THR B 174 -11.03 -27.14 -19.67
N ASP B 175 -9.94 -27.89 -19.79
CA ASP B 175 -9.04 -28.11 -18.65
C ASP B 175 -8.40 -26.79 -18.23
N PRO B 176 -8.39 -26.52 -16.91
CA PRO B 176 -7.86 -25.28 -16.31
C PRO B 176 -6.42 -25.04 -16.73
N GLN B 177 -5.62 -26.10 -16.68
CA GLN B 177 -4.24 -26.06 -17.17
C GLN B 177 -3.92 -27.37 -17.87
N PRO B 178 -2.96 -27.35 -18.80
CA PRO B 178 -2.54 -28.56 -19.51
C PRO B 178 -1.70 -29.46 -18.63
N LEU B 179 -1.79 -30.77 -18.81
CA LEU B 179 -0.95 -31.69 -18.06
C LEU B 179 0.31 -32.02 -18.87
N LYS B 180 1.20 -32.82 -18.29
CA LYS B 180 2.41 -33.23 -18.97
C LYS B 180 2.30 -34.67 -19.47
N GLU B 181 2.66 -34.89 -20.73
CA GLU B 181 2.57 -36.21 -21.33
C GLU B 181 3.57 -37.20 -20.74
N GLN B 182 4.69 -36.69 -20.25
CA GLN B 182 5.70 -37.53 -19.61
C GLN B 182 6.22 -36.88 -18.33
N PRO B 183 5.40 -36.90 -17.26
CA PRO B 183 5.67 -36.23 -15.99
C PRO B 183 7.04 -36.56 -15.43
N ALA B 184 7.53 -37.76 -15.73
CA ALA B 184 8.83 -38.19 -15.24
C ALA B 184 9.96 -37.37 -15.87
N LEU B 185 9.76 -36.97 -17.12
CA LEU B 185 10.77 -36.19 -17.83
C LEU B 185 10.55 -34.69 -17.65
N ASN B 186 11.66 -33.96 -17.49
CA ASN B 186 11.62 -32.51 -17.46
C ASN B 186 11.58 -31.96 -18.87
N ASP B 187 11.67 -32.87 -19.83
CA ASP B 187 11.66 -32.53 -21.25
C ASP B 187 10.24 -32.61 -21.80
N SER B 188 9.30 -33.03 -20.96
CA SER B 188 7.94 -33.35 -21.38
C SER B 188 7.19 -32.20 -22.03
N ARG B 189 6.31 -32.53 -22.96
CA ARG B 189 5.42 -31.56 -23.59
C ARG B 189 4.05 -31.67 -22.93
N TYR B 190 3.11 -30.84 -23.35
CA TYR B 190 1.84 -30.72 -22.65
C TYR B 190 0.65 -31.17 -23.51
N ALA B 191 -0.43 -31.55 -22.84
CA ALA B 191 -1.67 -31.92 -23.53
C ALA B 191 -2.86 -31.18 -22.91
N LEU B 192 -3.80 -30.78 -23.75
CA LEU B 192 -4.97 -30.02 -23.30
C LEU B 192 -6.22 -30.63 -23.91
N SER B 193 -7.23 -30.89 -23.09
CA SER B 193 -8.49 -31.43 -23.58
C SER B 193 -9.65 -30.49 -23.29
N SER B 194 -10.64 -30.48 -24.17
CA SER B 194 -11.82 -29.67 -23.97
C SER B 194 -13.08 -30.39 -24.45
N ARG B 195 -14.23 -29.99 -23.93
CA ARG B 195 -15.48 -30.60 -24.30
C ARG B 195 -16.52 -29.56 -24.70
N LEU B 196 -17.20 -29.81 -25.81
CA LEU B 196 -18.33 -29.00 -26.22
C LEU B 196 -19.56 -29.89 -26.32
N ARG B 197 -20.60 -29.55 -25.58
CA ARG B 197 -21.82 -30.35 -25.58
C ARG B 197 -22.99 -29.57 -26.18
N VAL B 198 -23.63 -30.14 -27.19
CA VAL B 198 -24.78 -29.52 -27.82
C VAL B 198 -25.93 -30.51 -27.90
N SER B 199 -27.13 -30.02 -28.18
CA SER B 199 -28.30 -30.89 -28.27
C SER B 199 -28.13 -31.89 -29.41
N ALA B 200 -28.78 -33.04 -29.28
CA ALA B 200 -28.70 -34.08 -30.30
C ALA B 200 -29.28 -33.61 -31.63
N THR B 201 -30.31 -32.76 -31.56
CA THR B 201 -30.93 -32.21 -32.76
C THR B 201 -29.95 -31.29 -33.47
N PHE B 202 -29.20 -30.53 -32.69
CA PHE B 202 -28.23 -29.58 -33.25
C PHE B 202 -27.07 -30.33 -33.91
N TRP B 203 -26.64 -31.42 -33.27
CA TRP B 203 -25.53 -32.21 -33.79
C TRP B 203 -25.91 -32.99 -35.05
N GLN B 204 -27.16 -33.41 -35.11
CA GLN B 204 -27.59 -34.32 -36.18
C GLN B 204 -27.88 -33.58 -37.48
N ASN B 205 -27.68 -32.26 -37.45
CA ASN B 205 -27.80 -31.45 -38.65
C ASN B 205 -26.45 -31.28 -39.34
N PRO B 206 -26.29 -31.92 -40.51
CA PRO B 206 -25.05 -31.89 -41.29
C PRO B 206 -24.66 -30.48 -41.74
N ARG B 207 -25.59 -29.54 -41.70
CA ARG B 207 -25.32 -28.17 -42.09
C ARG B 207 -24.55 -27.41 -41.01
N ASN B 208 -24.44 -28.00 -39.83
CA ASN B 208 -23.70 -27.39 -38.72
C ASN B 208 -22.23 -27.78 -38.72
N HIS B 209 -21.37 -26.78 -38.61
CA HIS B 209 -19.93 -26.97 -38.69
C HIS B 209 -19.22 -26.70 -37.37
N PHE B 210 -18.59 -27.72 -36.81
CA PHE B 210 -17.90 -27.60 -35.54
C PHE B 210 -16.39 -27.58 -35.72
N ARG B 211 -15.73 -26.64 -35.05
CA ARG B 211 -14.27 -26.55 -35.13
C ARG B 211 -13.64 -26.22 -33.78
N CYS B 212 -12.62 -26.98 -33.43
CA CYS B 212 -11.83 -26.71 -32.24
C CYS B 212 -10.61 -25.90 -32.63
N GLN B 213 -10.32 -24.85 -31.86
CA GLN B 213 -9.21 -23.95 -32.21
C GLN B 213 -8.27 -23.73 -31.03
N VAL B 214 -7.00 -24.02 -31.23
CA VAL B 214 -5.99 -23.75 -30.21
C VAL B 214 -5.04 -22.66 -30.70
N GLN B 215 -4.88 -21.62 -29.90
CA GLN B 215 -3.98 -20.53 -30.23
C GLN B 215 -2.63 -20.79 -29.59
N PHE B 216 -1.59 -20.88 -30.40
CA PHE B 216 -0.26 -21.17 -29.86
C PHE B 216 0.65 -19.95 -30.00
N TYR B 217 1.40 -19.64 -28.94
CA TYR B 217 2.32 -18.51 -28.99
C TYR B 217 3.76 -19.01 -29.04
N GLY B 218 4.37 -18.89 -30.21
CA GLY B 218 5.73 -19.34 -30.45
C GLY B 218 6.68 -18.19 -30.72
N LEU B 219 7.74 -18.49 -31.44
CA LEU B 219 8.70 -17.47 -31.86
C LEU B 219 8.06 -16.45 -32.80
N SER B 220 8.58 -15.23 -32.78
CA SER B 220 8.09 -14.18 -33.66
C SER B 220 8.72 -14.30 -35.04
N GLU B 221 8.33 -13.40 -35.95
CA GLU B 221 8.82 -13.42 -37.31
C GLU B 221 10.30 -13.03 -37.37
N ASN B 222 10.75 -12.30 -36.37
CA ASN B 222 12.14 -11.85 -36.32
C ASN B 222 13.04 -12.74 -35.47
N ASP B 223 12.47 -13.79 -34.87
CA ASP B 223 13.23 -14.71 -34.05
C ASP B 223 14.17 -15.58 -34.88
N GLU B 224 15.31 -15.95 -34.31
CA GLU B 224 16.33 -16.71 -35.02
C GLU B 224 16.00 -18.21 -35.05
N TRP B 225 15.98 -18.79 -36.24
CA TRP B 225 15.74 -20.22 -36.38
C TRP B 225 16.82 -20.87 -37.22
N THR B 226 17.65 -21.68 -36.58
CA THR B 226 18.75 -22.38 -37.27
C THR B 226 18.42 -23.83 -37.60
N GLN B 227 17.26 -24.31 -37.15
CA GLN B 227 16.89 -25.70 -37.34
C GLN B 227 16.39 -25.97 -38.75
N ASP B 228 16.61 -27.18 -39.22
CA ASP B 228 16.14 -27.59 -40.54
C ASP B 228 14.63 -27.75 -40.53
N ARG B 229 14.10 -28.21 -39.40
CA ARG B 229 12.67 -28.40 -39.25
C ARG B 229 11.91 -27.06 -39.24
N ALA B 230 10.61 -27.12 -39.49
CA ALA B 230 9.78 -25.92 -39.60
C ALA B 230 9.85 -25.04 -38.36
N LYS B 231 9.76 -23.74 -38.57
CA LYS B 231 9.81 -22.76 -37.48
C LYS B 231 8.49 -22.76 -36.69
N PRO B 232 8.58 -23.08 -35.39
CA PRO B 232 7.42 -23.14 -34.49
C PRO B 232 6.92 -21.76 -34.10
N VAL B 233 6.52 -20.97 -35.08
CA VAL B 233 6.03 -19.61 -34.83
C VAL B 233 4.65 -19.63 -34.20
N THR B 234 4.10 -18.45 -33.97
CA THR B 234 2.76 -18.33 -33.44
C THR B 234 1.74 -18.78 -34.49
N GLN B 235 0.87 -19.71 -34.11
CA GLN B 235 -0.08 -20.26 -35.07
C GLN B 235 -1.40 -20.69 -34.43
N ILE B 236 -2.47 -20.63 -35.22
CA ILE B 236 -3.76 -21.16 -34.79
C ILE B 236 -3.98 -22.53 -35.41
N VAL B 237 -3.98 -23.55 -34.57
CA VAL B 237 -4.20 -24.92 -35.05
C VAL B 237 -5.62 -25.36 -34.74
N SER B 238 -6.31 -25.86 -35.77
CA SER B 238 -7.72 -26.25 -35.61
C SER B 238 -7.94 -27.69 -36.04
N ALA B 239 -9.06 -28.25 -35.58
CA ALA B 239 -9.55 -29.54 -36.03
C ALA B 239 -11.06 -29.43 -36.16
N GLU B 240 -11.62 -29.94 -37.25
CA GLU B 240 -13.06 -29.77 -37.46
C GLU B 240 -13.85 -31.07 -37.44
N ALA B 241 -15.18 -30.93 -37.46
CA ALA B 241 -16.10 -32.04 -37.54
C ALA B 241 -17.43 -31.56 -38.13
N TRP B 242 -18.12 -32.42 -38.85
CA TRP B 242 -19.42 -32.07 -39.40
C TRP B 242 -20.55 -32.84 -38.72
N GLY B 243 -21.71 -32.20 -38.60
CA GLY B 243 -22.89 -32.85 -38.05
C GLY B 243 -23.26 -34.11 -38.80
N ARG B 244 -23.79 -35.10 -38.09
CA ARG B 244 -24.07 -36.40 -38.66
C ARG B 244 -25.49 -36.85 -38.34
N ALA B 245 -26.12 -37.57 -39.27
CA ALA B 245 -27.47 -38.06 -39.06
C ALA B 245 -27.54 -39.58 -39.24
N ILE C 1 -4.84 33.21 6.37
CA ILE C 1 -4.63 34.17 7.44
C ILE C 1 -3.16 34.50 7.60
N GLN C 2 -2.88 35.71 8.11
CA GLN C 2 -1.51 36.14 8.36
C GLN C 2 -1.33 36.57 9.81
N ARG C 3 -0.39 35.93 10.49
CA ARG C 3 -0.13 36.19 11.90
C ARG C 3 1.28 36.73 12.16
N PRO C 4 1.36 37.94 12.74
CA PRO C 4 2.65 38.57 13.06
C PRO C 4 3.49 37.70 14.00
N PRO C 5 4.82 37.74 13.84
CA PRO C 5 5.74 36.96 14.66
C PRO C 5 5.89 37.51 16.07
N LYS C 6 6.11 36.61 17.03
CA LYS C 6 6.48 37.00 18.39
C LYS C 6 7.98 36.78 18.55
N ILE C 7 8.67 37.76 19.12
CA ILE C 7 10.13 37.72 19.19
C ILE C 7 10.67 37.87 20.60
N GLN C 8 11.63 37.03 20.95
CA GLN C 8 12.33 37.17 22.23
C GLN C 8 13.82 36.88 22.07
N VAL C 9 14.64 37.80 22.53
CA VAL C 9 16.09 37.61 22.52
C VAL C 9 16.58 37.31 23.92
N TYR C 10 17.38 36.26 24.06
CA TYR C 10 17.90 35.87 25.37
C TYR C 10 19.18 35.06 25.21
N SER C 11 19.78 34.68 26.32
CA SER C 11 21.03 33.94 26.30
C SER C 11 20.83 32.50 26.79
N ARG C 12 21.57 31.57 26.21
CA ARG C 12 21.50 30.16 26.58
C ARG C 12 21.80 29.98 28.05
N HIS C 13 22.94 30.54 28.48
CA HIS C 13 23.34 30.51 29.88
C HIS C 13 23.50 31.93 30.39
N PRO C 14 23.37 32.12 31.71
CA PRO C 14 23.52 33.46 32.31
C PRO C 14 24.89 34.04 31.98
N PRO C 15 24.93 35.27 31.44
CA PRO C 15 26.17 35.90 31.00
C PRO C 15 27.15 36.16 32.15
N GLU C 16 28.38 35.70 31.98
CA GLU C 16 29.43 35.89 32.99
C GLU C 16 30.29 37.12 32.70
N ASP C 17 30.10 37.68 31.50
CA ASP C 17 30.84 38.86 31.02
C ASP C 17 32.29 38.53 30.66
N GLY C 18 32.80 37.41 31.19
CA GLY C 18 34.05 36.85 30.72
C GLY C 18 33.88 35.50 30.04
N LYS C 19 32.65 35.00 30.06
CA LYS C 19 32.38 33.64 29.60
C LYS C 19 31.50 33.61 28.37
N PRO C 20 32.02 33.09 27.26
CA PRO C 20 31.27 33.03 26.00
C PRO C 20 29.98 32.24 26.17
N ASN C 21 28.87 32.83 25.74
CA ASN C 21 27.58 32.16 25.81
C ASN C 21 26.93 32.17 24.44
N TYR C 22 25.72 31.64 24.36
CA TYR C 22 24.99 31.59 23.10
C TYR C 22 23.85 32.59 23.09
N LEU C 23 23.87 33.48 22.10
CA LEU C 23 22.78 34.44 21.94
C LEU C 23 21.65 33.80 21.14
N ASN C 24 20.44 33.86 21.67
CA ASN C 24 19.29 33.26 21.01
C ASN C 24 18.24 34.27 20.60
N CYS C 25 17.73 34.12 19.38
CA CYS C 25 16.60 34.89 18.91
C CYS C 25 15.49 33.91 18.56
N TYR C 26 14.43 33.92 19.35
CA TYR C 26 13.34 32.97 19.18
C TYR C 26 12.13 33.66 18.54
N VAL C 27 11.77 33.21 17.34
CA VAL C 27 10.65 33.79 16.62
C VAL C 27 9.58 32.73 16.41
N TYR C 28 8.39 32.96 16.95
CA TYR C 28 7.34 31.95 16.95
C TYR C 28 5.96 32.52 16.63
N GLY C 29 5.02 31.64 16.29
CA GLY C 29 3.64 32.00 16.08
C GLY C 29 3.40 32.86 14.87
N PHE C 30 4.25 32.71 13.86
CA PHE C 30 4.19 33.57 12.68
C PHE C 30 3.76 32.78 11.46
N HIS C 31 3.25 33.50 10.46
CA HIS C 31 2.69 32.86 9.27
C HIS C 31 2.33 33.97 8.29
N PRO C 32 2.64 33.77 6.99
CA PRO C 32 3.27 32.58 6.39
C PRO C 32 4.70 32.36 6.86
N PRO C 33 5.34 31.28 6.35
CA PRO C 33 6.69 30.86 6.76
C PRO C 33 7.80 31.80 6.34
N GLN C 34 7.53 32.72 5.41
CA GLN C 34 8.56 33.67 4.95
C GLN C 34 9.06 34.46 6.15
N ILE C 35 10.36 34.39 6.42
CA ILE C 35 10.92 35.07 7.58
C ILE C 35 12.36 35.51 7.37
N GLU C 36 12.69 36.71 7.83
CA GLU C 36 14.06 37.20 7.81
C GLU C 36 14.53 37.53 9.22
N ILE C 37 15.45 36.73 9.75
CA ILE C 37 15.88 36.89 11.13
C ILE C 37 17.38 37.09 11.20
N ASP C 38 17.80 38.27 11.66
CA ASP C 38 19.21 38.60 11.74
C ASP C 38 19.59 39.04 13.15
N LEU C 39 20.76 38.61 13.61
CA LEU C 39 21.30 39.06 14.89
C LEU C 39 22.21 40.26 14.67
N LEU C 40 22.11 41.24 15.55
CA LEU C 40 22.86 42.49 15.38
C LEU C 40 23.80 42.75 16.55
N LYS C 41 25.01 43.18 16.24
CA LYS C 41 25.96 43.64 17.24
C LYS C 41 26.21 45.13 17.03
N ASN C 42 25.68 45.96 17.93
CA ASN C 42 25.83 47.41 17.83
C ASN C 42 25.29 47.94 16.51
N GLY C 43 24.35 47.21 15.93
CA GLY C 43 23.76 47.58 14.66
C GLY C 43 24.28 46.78 13.47
N GLU C 44 25.47 46.20 13.62
CA GLU C 44 26.06 45.38 12.57
C GLU C 44 25.46 43.98 12.54
N LYS C 45 25.48 43.34 11.38
CA LYS C 45 24.95 41.99 11.24
C LYS C 45 26.00 40.95 11.62
N ILE C 46 25.57 39.88 12.28
CA ILE C 46 26.49 38.84 12.72
C ILE C 46 26.14 37.50 12.09
N LYS C 47 27.16 36.66 11.87
CA LYS C 47 26.92 35.32 11.35
C LYS C 47 26.24 34.48 12.42
N SER C 48 25.07 33.94 12.09
CA SER C 48 24.29 33.18 13.06
C SER C 48 23.64 31.93 12.48
N GLU C 49 23.46 30.93 13.32
CA GLU C 49 22.84 29.67 12.92
C GLU C 49 21.32 29.69 13.08
N GLN C 50 20.63 29.06 12.13
CA GLN C 50 19.17 29.02 12.18
C GLN C 50 18.65 27.58 12.10
N SER C 51 17.68 27.26 12.95
CA SER C 51 17.09 25.93 13.00
C SER C 51 16.14 25.67 11.84
N ASP C 52 15.86 24.40 11.58
CA ASP C 52 14.86 24.02 10.58
C ASP C 52 13.53 24.63 10.96
N LEU C 53 12.73 24.94 9.93
CA LEU C 53 11.37 25.42 10.14
C LEU C 53 10.61 24.37 10.95
N SER C 54 9.98 24.79 12.03
CA SER C 54 9.24 23.88 12.91
C SER C 54 7.77 24.26 12.96
N PHE C 55 6.91 23.29 13.26
CA PHE C 55 5.46 23.51 13.21
C PHE C 55 4.78 23.32 14.56
N SER C 56 3.83 24.20 14.88
CA SER C 56 3.05 24.07 16.09
C SER C 56 1.64 23.54 15.80
N LYS C 57 0.87 23.29 16.86
CA LYS C 57 -0.48 22.71 16.71
C LYS C 57 -1.44 23.70 16.07
N ASP C 58 -1.15 24.99 16.21
CA ASP C 58 -2.04 26.04 15.73
C ASP C 58 -1.73 26.44 14.29
N TRP C 59 -0.81 25.70 13.68
CA TRP C 59 -0.44 25.90 12.27
C TRP C 59 0.62 26.99 12.06
N SER C 60 1.02 27.67 13.12
CA SER C 60 2.05 28.69 13.00
C SER C 60 3.43 28.06 12.92
N PHE C 61 4.46 28.89 12.74
CA PHE C 61 5.82 28.38 12.60
C PHE C 61 6.72 29.01 13.66
N TYR C 62 7.85 28.37 13.92
CA TYR C 62 8.83 28.96 14.84
C TYR C 62 10.25 28.55 14.48
N LEU C 63 11.20 29.40 14.84
CA LEU C 63 12.61 29.18 14.51
C LEU C 63 13.50 29.65 15.63
N LEU C 64 14.63 28.99 15.80
CA LEU C 64 15.62 29.42 16.76
C LEU C 64 16.87 29.84 16.02
N SER C 65 17.15 31.14 16.05
CA SER C 65 18.34 31.69 15.42
C SER C 65 19.35 32.03 16.52
N HIS C 66 20.48 31.34 16.53
CA HIS C 66 21.48 31.53 17.56
C HIS C 66 22.84 31.96 17.02
N ALA C 67 23.62 32.62 17.86
CA ALA C 67 24.94 33.10 17.50
C ALA C 67 26.02 32.22 18.11
N GLU C 68 27.15 32.09 17.41
CA GLU C 68 28.25 31.22 17.85
C GLU C 68 28.64 31.49 19.30
N PHE C 69 28.95 32.75 19.61
CA PHE C 69 29.27 33.13 20.98
C PHE C 69 28.99 34.60 21.26
N THR C 70 28.70 34.92 22.51
CA THR C 70 28.52 36.30 22.94
C THR C 70 29.16 36.54 24.30
N PRO C 71 30.47 36.80 24.32
CA PRO C 71 31.19 37.09 25.57
C PRO C 71 30.51 38.20 26.35
N ASN C 72 29.85 39.12 25.63
CA ASN C 72 29.11 40.21 26.25
C ASN C 72 29.97 41.10 27.14
N SER C 73 30.95 41.77 26.55
CA SER C 73 31.74 42.74 27.29
C SER C 73 31.45 44.14 26.77
N LYS C 74 30.71 44.90 27.57
CA LYS C 74 30.36 46.29 27.26
C LYS C 74 29.87 46.51 25.83
N ASP C 75 28.88 45.71 25.39
CA ASP C 75 28.34 45.84 24.04
C ASP C 75 26.82 45.87 24.01
N GLN C 76 26.26 46.04 22.81
CA GLN C 76 24.82 46.07 22.62
C GLN C 76 24.38 45.15 21.49
N TYR C 77 23.59 44.14 21.82
CA TYR C 77 23.11 43.17 20.84
C TYR C 77 21.60 43.29 20.64
N SER C 78 21.15 42.96 19.44
CA SER C 78 19.72 43.01 19.12
C SER C 78 19.37 42.01 18.03
N CYS C 79 18.08 41.98 17.67
CA CYS C 79 17.59 41.05 16.66
C CYS C 79 16.66 41.77 15.68
N ARG C 80 16.91 41.59 14.39
CA ARG C 80 16.06 42.20 13.36
C ARG C 80 15.17 41.15 12.71
N VAL C 81 13.89 41.47 12.59
CA VAL C 81 12.94 40.54 12.00
C VAL C 81 12.05 41.19 10.95
N LYS C 82 12.12 40.68 9.73
CA LYS C 82 11.27 41.15 8.64
C LYS C 82 10.22 40.09 8.29
N HIS C 83 8.96 40.50 8.27
CA HIS C 83 7.85 39.58 7.97
C HIS C 83 6.75 40.32 7.20
N VAL C 84 5.95 39.57 6.45
CA VAL C 84 4.91 40.17 5.63
C VAL C 84 3.87 40.93 6.46
N THR C 85 3.87 40.69 7.76
CA THR C 85 2.95 41.36 8.67
C THR C 85 3.57 42.61 9.30
N LEU C 86 4.78 42.94 8.86
CA LEU C 86 5.49 44.11 9.38
C LEU C 86 5.91 45.07 8.26
N GLU C 87 5.62 46.36 8.44
CA GLU C 87 6.07 47.37 7.49
C GLU C 87 7.56 47.60 7.69
N GLN C 88 7.89 48.20 8.83
CA GLN C 88 9.28 48.34 9.22
C GLN C 88 9.68 47.09 9.98
N PRO C 89 10.92 46.63 9.79
CA PRO C 89 11.41 45.45 10.50
C PRO C 89 11.40 45.69 12.01
N ARG C 90 10.81 44.78 12.78
CA ARG C 90 10.80 44.90 14.23
C ARG C 90 12.15 44.55 14.82
N ILE C 91 12.63 45.42 15.71
CA ILE C 91 13.94 45.22 16.34
C ILE C 91 13.78 44.99 17.84
N VAL C 92 14.42 43.93 18.33
CA VAL C 92 14.38 43.61 19.76
C VAL C 92 15.79 43.50 20.31
N LYS C 93 16.14 44.42 21.20
CA LYS C 93 17.47 44.47 21.79
C LYS C 93 17.59 43.50 22.97
N TRP C 94 18.78 42.93 23.14
CA TRP C 94 19.06 42.06 24.27
C TRP C 94 19.45 42.88 25.49
N ASP C 95 18.72 42.69 26.58
CA ASP C 95 18.94 43.44 27.81
C ASP C 95 19.33 42.50 28.93
N ARG C 96 19.99 43.03 29.96
CA ARG C 96 20.47 42.22 31.08
C ARG C 96 19.33 41.61 31.88
N ASP C 97 18.09 42.01 31.56
CA ASP C 97 16.91 41.50 32.24
C ASP C 97 16.71 40.00 31.99
N GLY C 100 8.86 40.89 24.96
CA GLY C 100 7.59 40.77 25.66
C GLY C 100 6.79 39.56 25.20
N GLY C 101 5.50 39.78 24.94
CA GLY C 101 4.62 38.73 24.46
C GLY C 101 4.30 37.67 25.49
N GLY C 102 4.29 36.41 25.04
CA GLY C 102 4.15 35.25 25.90
C GLY C 102 2.76 34.97 26.44
N SER C 103 2.72 34.39 27.64
CA SER C 103 1.47 34.10 28.38
C SER C 103 0.77 32.77 28.06
N GLY C 104 1.31 32.00 27.12
CA GLY C 104 0.76 30.70 26.80
C GLY C 104 0.64 29.76 27.99
N GLY C 105 1.75 29.57 28.71
CA GLY C 105 1.75 28.71 29.88
C GLY C 105 2.25 27.31 29.60
N ARG C 114 2.02 15.99 31.98
CA ARG C 114 3.27 15.31 31.64
C ARG C 114 3.02 14.09 30.75
N THR C 115 2.30 14.30 29.65
CA THR C 115 2.00 13.20 28.75
C THR C 115 3.05 13.08 27.66
N HIS C 116 2.89 12.08 26.81
CA HIS C 116 3.80 11.87 25.69
C HIS C 116 2.98 11.82 24.41
N SER C 117 3.52 12.38 23.33
CA SER C 117 2.80 12.38 22.07
C SER C 117 3.73 12.25 20.88
N LEU C 118 3.14 11.82 19.76
CA LEU C 118 3.84 11.73 18.49
C LEU C 118 3.07 12.57 17.48
N ARG C 119 3.79 13.33 16.67
CA ARG C 119 3.17 14.19 15.66
C ARG C 119 3.91 14.14 14.34
N TYR C 120 3.17 14.26 13.25
CA TYR C 120 3.76 14.42 11.92
C TYR C 120 3.12 15.59 11.21
N PHE C 121 3.95 16.47 10.67
CA PHE C 121 3.46 17.68 10.02
C PHE C 121 3.80 17.69 8.53
N ARG C 122 2.94 18.33 7.75
CA ARG C 122 3.21 18.58 6.34
C ARG C 122 2.99 20.05 6.00
N LEU C 123 3.87 20.61 5.19
CA LEU C 123 3.71 21.98 4.75
C LEU C 123 3.82 22.05 3.22
N GLY C 124 2.70 22.32 2.55
CA GLY C 124 2.72 22.55 1.12
C GLY C 124 2.80 24.01 0.73
N ILE C 125 3.44 24.29 -0.41
CA ILE C 125 3.50 25.66 -0.93
C ILE C 125 3.12 25.67 -2.40
N SER C 126 2.03 26.38 -2.72
CA SER C 126 1.51 26.44 -4.07
C SER C 126 2.60 26.87 -5.04
N GLU C 127 2.61 26.28 -6.24
CA GLU C 127 3.63 26.59 -7.24
C GLU C 127 3.56 28.05 -7.67
N PRO C 128 4.71 28.60 -8.09
CA PRO C 128 6.01 27.95 -8.08
C PRO C 128 6.61 27.86 -6.68
N GLY C 129 7.88 27.48 -6.58
CA GLY C 129 8.54 27.33 -5.29
C GLY C 129 8.44 28.54 -4.37
N TYR C 130 8.52 29.74 -4.94
CA TYR C 130 8.58 30.98 -4.15
C TYR C 130 9.83 31.02 -3.27
N GLY C 131 10.84 30.25 -3.65
CA GLY C 131 12.11 30.23 -2.95
C GLY C 131 12.15 29.22 -1.81
N ILE C 132 10.97 28.89 -1.29
CA ILE C 132 10.85 27.89 -0.22
C ILE C 132 10.61 26.51 -0.82
N PRO C 133 11.05 25.46 -0.11
CA PRO C 133 10.74 24.09 -0.53
C PRO C 133 9.22 23.89 -0.62
N GLU C 134 8.75 23.35 -1.73
CA GLU C 134 7.31 23.19 -1.96
C GLU C 134 6.67 22.19 -1.00
N PHE C 135 7.45 21.19 -0.58
CA PHE C 135 6.97 20.20 0.38
C PHE C 135 7.96 19.96 1.51
N ILE C 136 7.43 19.90 2.74
CA ILE C 136 8.24 19.63 3.93
C ILE C 136 7.47 18.74 4.90
N SER C 137 8.15 17.77 5.47
CA SER C 137 7.54 16.89 6.45
C SER C 137 8.49 16.62 7.60
N ALA C 138 8.01 16.83 8.83
CA ALA C 138 8.85 16.65 10.01
C ALA C 138 8.07 15.99 11.13
N GLY C 139 8.65 14.97 11.74
CA GLY C 139 8.03 14.31 12.87
C GLY C 139 8.51 14.87 14.19
N TYR C 140 7.65 14.77 15.21
CA TYR C 140 8.00 15.22 16.57
C TYR C 140 7.48 14.23 17.60
N VAL C 141 8.30 13.93 18.59
CA VAL C 141 7.84 13.16 19.75
C VAL C 141 8.15 13.95 21.02
N ASP C 142 7.10 14.29 21.77
CA ASP C 142 7.24 15.17 22.93
C ASP C 142 7.89 16.49 22.54
N SER C 143 7.55 16.96 21.34
CA SER C 143 8.10 18.21 20.81
C SER C 143 9.60 18.11 20.55
N HIS C 144 10.09 16.88 20.34
CA HIS C 144 11.48 16.67 19.95
C HIS C 144 11.57 16.24 18.50
N PRO C 145 12.27 17.02 17.67
CA PRO C 145 12.44 16.69 16.25
C PRO C 145 13.10 15.34 16.04
N ILE C 146 12.55 14.56 15.12
CA ILE C 146 12.99 13.19 14.85
C ILE C 146 13.29 12.94 13.38
N THR C 147 12.30 13.15 12.52
CA THR C 147 12.49 12.97 11.07
C THR C 147 12.34 14.28 10.28
N MET C 148 13.10 14.40 9.17
CA MET C 148 13.00 15.59 8.31
C MET C 148 13.05 15.27 6.82
N TYR C 149 12.00 15.66 6.10
CA TYR C 149 11.95 15.47 4.66
C TYR C 149 11.54 16.77 3.96
N ASN C 150 12.12 17.03 2.78
CA ASN C 150 11.71 18.18 1.99
C ASN C 150 11.82 17.95 0.48
N SER C 151 11.14 18.80 -0.29
CA SER C 151 11.08 18.65 -1.74
C SER C 151 12.39 18.93 -2.47
N VAL C 152 13.39 19.46 -1.76
CA VAL C 152 14.69 19.74 -2.38
C VAL C 152 15.58 18.51 -2.35
N SER C 153 16.04 18.15 -1.15
CA SER C 153 16.68 16.86 -0.93
C SER C 153 15.59 15.90 -0.50
N GLN C 154 15.37 14.88 -1.30
CA GLN C 154 14.19 14.02 -1.17
C GLN C 154 14.37 12.85 -0.17
N LEU C 155 15.43 12.96 0.63
CA LEU C 155 15.81 11.96 1.64
C LEU C 155 15.16 11.99 3.04
O KFP C 156 14.44 12.25 6.74
C KFP C 156 15.17 11.42 6.17
CA KFP C 156 14.54 10.56 5.04
N KFP C 156 15.05 10.80 3.64
CB KFP C 156 13.00 10.58 5.13
CAI KFP C 156 12.59 10.03 6.51
CAH KFP C 156 11.07 9.98 6.67
CAJ KFP C 156 10.74 9.44 8.08
NAL KFP C 156 9.28 9.32 8.26
CAF KFP C 156 8.40 10.30 8.02
C6 KFP C 156 7.08 9.91 8.27
N5 KFP C 156 6.05 10.72 7.94
C4A KFP C 156 4.78 10.31 8.15
C4 KFP C 156 3.73 11.16 7.82
O4 KFP C 156 3.93 12.29 7.35
N3 KFP C 156 2.42 10.72 8.04
C2 KFP C 156 2.20 9.43 8.59
N2 KFP C 156 0.97 8.98 8.80
N1 KFP C 156 3.25 8.64 8.88
C8A KFP C 156 4.52 9.06 8.68
N8 KFP C 156 5.52 8.23 8.99
C7 KFP C 156 6.84 8.64 8.77
N GLU C 157 16.46 11.25 6.48
CA GLU C 157 17.13 12.13 7.45
C GLU C 157 16.60 12.23 8.89
N PRO C 158 17.03 11.30 9.77
CA PRO C 158 16.72 11.41 11.21
C PRO C 158 17.12 12.76 11.81
N ARG C 159 16.27 13.31 12.67
CA ARG C 159 16.59 14.55 13.39
C ARG C 159 17.09 14.34 14.82
N ALA C 160 17.21 13.08 15.24
CA ALA C 160 17.75 12.77 16.55
C ALA C 160 18.79 11.66 16.46
N LEU C 161 19.77 11.70 17.36
CA LEU C 161 20.83 10.70 17.38
C LEU C 161 20.27 9.31 17.68
N TRP C 162 19.37 9.24 18.65
CA TRP C 162 18.80 7.95 19.06
C TRP C 162 17.80 7.41 18.06
N MET C 163 17.39 8.25 17.11
CA MET C 163 16.52 7.80 16.03
C MET C 163 17.31 7.04 14.97
N GLU C 164 18.43 7.62 14.55
CA GLU C 164 19.25 7.04 13.49
C GLU C 164 19.97 5.78 13.96
N GLU C 165 20.20 5.69 15.26
CA GLU C 165 20.96 4.57 15.81
C GLU C 165 20.11 3.31 15.91
N ASN C 166 18.84 3.47 16.25
CA ASN C 166 17.94 2.34 16.44
C ASN C 166 17.11 1.98 15.21
N LEU C 167 17.31 2.71 14.12
CA LEU C 167 16.58 2.44 12.89
C LEU C 167 17.54 2.09 11.76
N ALA C 168 17.34 0.90 11.18
CA ALA C 168 18.18 0.44 10.09
C ALA C 168 18.00 1.30 8.84
N PRO C 169 18.95 1.21 7.90
CA PRO C 169 18.93 2.00 6.67
C PRO C 169 17.75 1.65 5.77
N ASP C 170 17.19 0.45 5.93
CA ASP C 170 16.07 0.01 5.11
C ASP C 170 14.78 0.71 5.52
N HIS C 171 14.74 1.22 6.74
CA HIS C 171 13.59 1.96 7.23
C HIS C 171 13.50 3.32 6.55
N TRP C 172 14.61 4.05 6.56
CA TRP C 172 14.67 5.37 5.95
C TRP C 172 14.52 5.27 4.44
N GLU C 173 15.06 4.20 3.86
CA GLU C 173 14.92 3.93 2.44
C GLU C 173 13.46 3.73 2.05
N ARG C 174 12.69 3.14 2.95
CA ARG C 174 11.30 2.83 2.65
C ARG C 174 10.43 4.08 2.75
N TYR C 175 10.71 4.91 3.75
CA TYR C 175 9.93 6.12 3.95
C TYR C 175 10.37 7.27 3.05
N THR C 176 11.61 7.22 2.56
CA THR C 176 12.07 8.22 1.62
C THR C 176 11.31 8.07 0.31
N GLN C 177 10.86 6.85 0.03
CA GLN C 177 10.04 6.57 -1.15
C GLN C 177 8.58 6.96 -0.92
N LEU C 178 8.06 6.66 0.27
CA LEU C 178 6.69 7.00 0.61
C LEU C 178 6.49 8.51 0.57
N LEU C 179 7.41 9.25 1.19
CA LEU C 179 7.33 10.70 1.26
C LEU C 179 7.33 11.34 -0.12
N ARG C 180 8.08 10.77 -1.05
CA ARG C 180 8.08 11.25 -2.43
C ARG C 180 6.68 11.12 -3.03
N GLY C 181 6.02 10.01 -2.69
CA GLY C 181 4.67 9.77 -3.17
C GLY C 181 3.69 10.73 -2.53
N TRP C 182 3.81 10.89 -1.21
CA TRP C 182 2.93 11.78 -0.46
C TRP C 182 3.15 13.22 -0.88
N GLN C 183 4.40 13.57 -1.17
CA GLN C 183 4.74 14.90 -1.63
C GLN C 183 3.96 15.26 -2.89
N GLN C 184 3.91 14.32 -3.84
CA GLN C 184 3.24 14.55 -5.10
C GLN C 184 1.73 14.68 -4.91
N ALA C 185 1.17 13.80 -4.08
CA ALA C 185 -0.25 13.83 -3.79
C ALA C 185 -0.63 15.14 -3.11
N PHE C 186 0.30 15.66 -2.31
CA PHE C 186 0.09 16.91 -1.61
C PHE C 186 0.06 18.05 -2.61
N LYS C 187 0.93 17.98 -3.60
CA LYS C 187 0.99 18.98 -4.66
C LYS C 187 -0.32 19.04 -5.43
N VAL C 188 -0.90 17.87 -5.70
CA VAL C 188 -2.15 17.79 -6.45
C VAL C 188 -3.32 18.37 -5.67
N GLU C 189 -3.40 18.03 -4.38
CA GLU C 189 -4.46 18.56 -3.51
C GLU C 189 -4.36 20.07 -3.36
N LEU C 190 -3.14 20.59 -3.41
CA LEU C 190 -2.93 22.03 -3.29
C LEU C 190 -3.47 22.75 -4.51
N LYS C 191 -3.17 22.22 -5.69
CA LYS C 191 -3.71 22.78 -6.92
C LYS C 191 -5.23 22.73 -6.90
N GLN C 192 -5.77 21.58 -6.50
CA GLN C 192 -7.21 21.38 -6.50
C GLN C 192 -7.92 22.38 -5.60
N LEU C 193 -7.30 22.68 -4.46
CA LEU C 193 -7.88 23.63 -3.51
C LEU C 193 -7.93 25.04 -4.09
N GLN C 194 -6.82 25.49 -4.66
CA GLN C 194 -6.76 26.81 -5.26
C GLN C 194 -7.81 26.96 -6.36
N HIS C 195 -8.09 25.87 -7.06
CA HIS C 195 -9.10 25.88 -8.12
C HIS C 195 -10.49 25.97 -7.50
N HIS C 196 -10.66 25.37 -6.33
CA HIS C 196 -11.93 25.40 -5.63
C HIS C 196 -12.17 26.75 -4.97
N TYR C 197 -11.11 27.34 -4.43
CA TYR C 197 -11.20 28.65 -3.80
C TYR C 197 -11.17 29.75 -4.86
N ASN C 198 -10.98 29.33 -6.11
CA ASN C 198 -11.00 30.23 -7.25
C ASN C 198 -9.97 31.35 -7.12
N HIS C 199 -8.76 30.99 -6.71
CA HIS C 199 -7.66 31.95 -6.66
C HIS C 199 -6.32 31.27 -6.92
N SER C 200 -5.32 32.09 -7.26
CA SER C 200 -3.99 31.59 -7.61
C SER C 200 -2.92 32.45 -6.96
N GLY C 201 -1.67 32.00 -7.05
CA GLY C 201 -0.58 32.68 -6.38
C GLY C 201 -0.20 32.00 -5.09
N PHE C 202 0.45 32.75 -4.20
CA PHE C 202 1.02 32.17 -2.98
C PHE C 202 -0.06 31.76 -1.99
N HIS C 203 -0.07 30.48 -1.66
CA HIS C 203 -0.97 29.93 -0.67
C HIS C 203 -0.30 28.72 -0.04
N THR C 204 -0.72 28.36 1.16
CA THR C 204 -0.06 27.25 1.87
C THR C 204 -1.03 26.13 2.21
N TYR C 205 -0.49 24.93 2.39
CA TYR C 205 -1.30 23.76 2.72
C TYR C 205 -0.60 22.94 3.79
N GLN C 206 -1.28 22.69 4.90
CA GLN C 206 -0.66 22.02 6.04
C GLN C 206 -1.47 20.84 6.56
N ARG C 207 -0.74 19.79 6.94
CA ARG C 207 -1.34 18.60 7.53
C ARG C 207 -0.66 18.26 8.85
N MET C 208 -1.46 17.88 9.84
CA MET C 208 -0.93 17.40 11.10
C MET C 208 -1.63 16.12 11.52
N ILE C 209 -0.84 15.06 11.75
CA ILE C 209 -1.38 13.83 12.29
C ILE C 209 -0.55 13.41 13.50
N GLY C 210 -1.13 12.63 14.39
CA GLY C 210 -0.41 12.16 15.55
C GLY C 210 -1.29 11.62 16.65
N CYS C 211 -0.64 11.13 17.71
CA CYS C 211 -1.34 10.60 18.87
C CYS C 211 -0.55 10.95 20.12
N GLU C 212 -1.20 10.84 21.27
CA GLU C 212 -0.54 11.09 22.54
C GLU C 212 -0.94 10.07 23.59
N LEU C 213 0.02 9.70 24.43
CA LEU C 213 -0.21 8.74 25.51
C LEU C 213 -0.22 9.47 26.84
N LEU C 214 -1.39 9.54 27.47
CA LEU C 214 -1.55 10.27 28.72
C LEU C 214 -0.87 9.56 29.90
N GLU C 215 -0.58 10.31 30.96
CA GLU C 215 0.16 9.80 32.10
C GLU C 215 -0.47 8.55 32.75
N ASP C 216 -1.78 8.43 32.62
CA ASP C 216 -2.50 7.32 33.24
C ASP C 216 -2.68 6.12 32.31
N GLY C 217 -2.26 6.27 31.05
CA GLY C 217 -2.40 5.20 30.09
C GLY C 217 -3.50 5.44 29.07
N SER C 218 -4.16 6.58 29.18
CA SER C 218 -5.17 6.98 28.21
C SER C 218 -4.48 7.40 26.91
N ILE C 219 -5.21 7.34 25.80
CA ILE C 219 -4.65 7.72 24.52
C ILE C 219 -5.63 8.46 23.62
N THR C 220 -5.10 9.29 22.74
CA THR C 220 -5.90 10.01 21.77
C THR C 220 -5.13 10.18 20.47
N GLY C 221 -5.85 10.47 19.40
CA GLY C 221 -5.22 10.66 18.10
C GLY C 221 -6.01 11.65 17.28
N PHE C 222 -5.33 12.26 16.31
CA PHE C 222 -5.91 13.36 15.56
C PHE C 222 -5.31 13.44 14.16
N LEU C 223 -6.13 13.88 13.21
CA LEU C 223 -5.69 14.16 11.86
C LEU C 223 -6.36 15.45 11.44
N GLN C 224 -5.57 16.46 11.06
CA GLN C 224 -6.11 17.76 10.71
C GLN C 224 -5.46 18.38 9.48
N TYR C 225 -6.19 19.26 8.81
CA TYR C 225 -5.69 19.97 7.63
C TYR C 225 -5.93 21.46 7.78
N ALA C 226 -4.99 22.26 7.30
CA ALA C 226 -5.15 23.72 7.33
C ALA C 226 -4.82 24.36 5.99
N TYR C 227 -5.57 25.39 5.62
CA TYR C 227 -5.33 26.13 4.38
C TYR C 227 -5.11 27.62 4.67
N ASP C 228 -3.94 28.11 4.31
CA ASP C 228 -3.52 29.49 4.61
C ASP C 228 -3.48 29.78 6.10
N GLY C 229 -3.17 28.76 6.89
CA GLY C 229 -2.98 28.93 8.32
C GLY C 229 -4.22 28.68 9.15
N GLN C 230 -5.34 28.49 8.47
CA GLN C 230 -6.61 28.31 9.15
C GLN C 230 -7.07 26.84 9.08
N ASP C 231 -7.76 26.39 10.11
CA ASP C 231 -8.30 25.03 10.13
C ASP C 231 -9.18 24.84 8.92
N PHE C 232 -8.96 23.73 8.21
CA PHE C 232 -9.68 23.45 6.98
C PHE C 232 -10.55 22.21 7.14
N LEU C 233 -9.90 21.07 7.33
CA LEU C 233 -10.60 19.81 7.58
C LEU C 233 -10.09 19.19 8.87
N ILE C 234 -11.02 18.75 9.71
CA ILE C 234 -10.66 18.10 10.98
C ILE C 234 -11.37 16.76 11.13
N PHE C 235 -10.58 15.72 11.36
CA PHE C 235 -11.05 14.35 11.38
C PHE C 235 -11.55 13.91 12.75
N ASN C 236 -12.69 13.24 12.79
CA ASN C 236 -13.16 12.60 14.01
C ASN C 236 -13.13 11.10 13.84
N LYS C 237 -12.20 10.44 14.54
CA LYS C 237 -12.00 9.00 14.37
C LYS C 237 -13.05 8.18 15.09
N ASP C 238 -13.81 8.82 15.97
CA ASP C 238 -14.87 8.13 16.70
C ASP C 238 -16.15 7.98 15.88
N THR C 239 -16.53 9.04 15.19
CA THR C 239 -17.73 8.99 14.33
C THR C 239 -17.40 8.71 12.86
N LEU C 240 -16.11 8.59 12.55
CA LEU C 240 -15.67 8.37 11.17
C LEU C 240 -16.22 9.43 10.23
N SER C 241 -16.01 10.69 10.60
CA SER C 241 -16.51 11.80 9.79
C SER C 241 -15.55 12.97 9.83
N TRP C 242 -15.54 13.75 8.76
CA TRP C 242 -14.68 14.94 8.68
C TRP C 242 -15.48 16.19 8.97
N MET C 243 -14.87 17.10 9.73
CA MET C 243 -15.48 18.39 10.02
C MET C 243 -14.94 19.46 9.08
N ALA C 244 -15.85 20.27 8.51
CA ALA C 244 -15.47 21.34 7.61
C ALA C 244 -16.04 22.67 8.10
N MET C 245 -15.18 23.68 8.25
CA MET C 245 -15.63 25.00 8.68
C MET C 245 -15.87 25.94 7.50
N ASP C 246 -15.70 25.44 6.29
CA ASP C 246 -15.85 26.26 5.10
C ASP C 246 -16.66 25.54 4.02
N ASN C 247 -17.37 26.29 3.21
CA ASN C 247 -18.16 25.72 2.12
C ASN C 247 -17.25 25.00 1.11
N VAL C 248 -16.05 25.52 0.92
CA VAL C 248 -15.08 24.91 0.02
C VAL C 248 -14.50 23.65 0.63
N ALA C 249 -14.21 23.70 1.93
CA ALA C 249 -13.71 22.53 2.65
C ALA C 249 -14.76 21.43 2.66
N ASP C 250 -16.03 21.83 2.54
CA ASP C 250 -17.14 20.89 2.56
C ASP C 250 -17.09 19.99 1.34
N ILE C 251 -16.58 20.52 0.23
CA ILE C 251 -16.46 19.77 -1.01
C ILE C 251 -15.55 18.56 -0.84
N ILE C 252 -14.38 18.77 -0.24
CA ILE C 252 -13.45 17.68 -0.01
C ILE C 252 -14.03 16.71 1.01
N ARG C 253 -14.74 17.25 2.00
CA ARG C 253 -15.39 16.42 3.02
C ARG C 253 -16.27 15.35 2.40
N ARG C 254 -17.13 15.75 1.48
CA ARG C 254 -18.04 14.83 0.81
C ARG C 254 -17.31 13.75 -0.01
N VAL C 255 -16.16 14.11 -0.56
CA VAL C 255 -15.35 13.16 -1.32
C VAL C 255 -14.67 12.17 -0.38
N TRP C 256 -13.99 12.71 0.64
CA TRP C 256 -13.22 11.89 1.57
C TRP C 256 -14.11 10.94 2.37
N GLU C 257 -15.30 11.39 2.71
CA GLU C 257 -16.23 10.58 3.47
C GLU C 257 -16.86 9.49 2.61
N ALA C 258 -16.77 9.67 1.29
CA ALA C 258 -17.31 8.69 0.36
C ALA C 258 -16.47 7.41 0.35
N ASN C 259 -15.23 7.52 0.81
CA ASN C 259 -14.34 6.38 0.87
C ASN C 259 -14.27 5.86 2.30
N ARG C 260 -14.93 4.73 2.54
CA ARG C 260 -15.09 4.22 3.89
C ARG C 260 -13.85 3.49 4.36
N HIS C 261 -13.20 2.79 3.44
CA HIS C 261 -11.97 2.07 3.77
C HIS C 261 -10.87 3.02 4.22
N GLU C 262 -10.85 4.21 3.66
CA GLU C 262 -9.82 5.19 4.01
C GLU C 262 -10.02 5.69 5.43
N LEU C 263 -11.26 6.04 5.75
CA LEU C 263 -11.62 6.52 7.08
C LEU C 263 -11.28 5.47 8.13
N GLN C 264 -11.75 4.24 7.89
CA GLN C 264 -11.49 3.11 8.79
C GLN C 264 -10.00 2.94 8.98
N TYR C 265 -9.25 3.04 7.89
CA TYR C 265 -7.79 2.92 7.94
C TYR C 265 -7.17 3.97 8.86
N GLN C 266 -7.65 5.20 8.76
CA GLN C 266 -7.15 6.29 9.61
C GLN C 266 -7.39 5.97 11.08
N LYS C 267 -8.59 5.51 11.39
CA LYS C 267 -8.95 5.16 12.75
C LYS C 267 -7.98 4.14 13.34
N ASN C 268 -7.70 3.09 12.57
CA ASN C 268 -6.82 2.04 13.07
C ASN C 268 -5.41 2.52 13.31
N TRP C 269 -4.91 3.37 12.42
CA TRP C 269 -3.55 3.87 12.55
C TRP C 269 -3.43 4.75 13.80
N LEU C 270 -4.38 5.66 13.96
CA LEU C 270 -4.36 6.58 15.10
C LEU C 270 -4.48 5.86 16.44
N GLU C 271 -5.38 4.88 16.50
CA GLU C 271 -5.68 4.16 17.73
C GLU C 271 -4.67 3.05 18.05
N GLU C 272 -4.25 2.32 17.04
CA GLU C 272 -3.41 1.15 17.22
C GLU C 272 -1.97 1.43 16.78
N GLU C 273 -1.81 1.72 15.49
CA GLU C 273 -0.49 1.84 14.89
C GLU C 273 0.35 2.98 15.46
N CYS C 274 -0.23 4.18 15.51
CA CYS C 274 0.50 5.35 16.00
C CYS C 274 1.01 5.18 17.42
N ILE C 275 0.13 4.75 18.32
CA ILE C 275 0.49 4.54 19.72
C ILE C 275 1.67 3.59 19.85
N ALA C 276 1.71 2.57 19.00
CA ALA C 276 2.80 1.61 18.98
C ALA C 276 4.12 2.31 18.60
N TRP C 277 4.07 3.12 17.55
CA TRP C 277 5.24 3.89 17.13
C TRP C 277 5.74 4.79 18.26
N LEU C 278 4.80 5.38 19.00
CA LEU C 278 5.16 6.31 20.07
C LEU C 278 5.96 5.62 21.19
N LYS C 279 5.43 4.50 21.67
CA LYS C 279 6.08 3.73 22.73
C LYS C 279 7.44 3.22 22.27
N ARG C 280 7.53 2.82 21.00
CA ARG C 280 8.78 2.36 20.43
C ARG C 280 9.84 3.45 20.47
N PHE C 281 9.45 4.67 20.10
CA PHE C 281 10.37 5.79 20.04
C PHE C 281 10.78 6.26 21.44
N LEU C 282 9.84 6.16 22.38
CA LEU C 282 10.12 6.53 23.75
C LEU C 282 11.21 5.64 24.34
N GLU C 283 11.09 4.34 24.10
CA GLU C 283 12.07 3.39 24.59
C GLU C 283 13.45 3.65 23.97
N TYR C 284 13.45 4.14 22.73
CA TYR C 284 14.70 4.48 22.05
C TYR C 284 15.38 5.65 22.73
N GLY C 285 14.61 6.71 22.98
CA GLY C 285 15.14 7.93 23.56
C GLY C 285 14.92 8.02 25.05
N LYS C 286 14.76 6.87 25.70
CA LYS C 286 14.46 6.83 27.13
C LYS C 286 15.41 7.68 27.95
N ASP C 287 16.67 7.76 27.52
CA ASP C 287 17.68 8.54 28.22
C ASP C 287 17.36 10.04 28.21
N ALA C 288 17.05 10.57 27.04
CA ALA C 288 16.83 12.00 26.87
C ALA C 288 15.45 12.46 27.37
N LEU C 289 14.44 11.64 27.10
CA LEU C 289 13.05 12.03 27.37
C LEU C 289 12.65 11.86 28.84
N GLN C 290 13.21 10.86 29.53
CA GLN C 290 12.79 10.58 30.89
C GLN C 290 13.62 11.31 31.94
N ARG C 291 14.60 12.09 31.51
CA ARG C 291 15.46 12.84 32.42
C ARG C 291 14.76 14.10 32.93
N THR C 292 15.14 14.56 34.11
CA THR C 292 14.65 15.83 34.63
C THR C 292 15.76 16.66 35.26
N GLU C 293 16.00 17.84 34.71
CA GLU C 293 16.99 18.76 35.24
C GLU C 293 16.29 19.97 35.85
N PRO C 294 16.57 20.24 37.13
CA PRO C 294 15.91 21.34 37.85
C PRO C 294 16.37 22.69 37.32
N PRO C 295 15.51 23.71 37.44
CA PRO C 295 15.78 25.06 36.96
C PRO C 295 16.71 25.83 37.87
N LYS C 296 17.44 26.79 37.32
CA LYS C 296 18.21 27.73 38.11
C LYS C 296 17.55 29.09 38.04
N VAL C 297 17.01 29.55 39.16
CA VAL C 297 16.30 30.83 39.19
C VAL C 297 17.25 32.00 39.39
N ARG C 298 16.95 33.11 38.71
CA ARG C 298 17.73 34.34 38.85
C ARG C 298 16.81 35.56 38.87
N VAL C 299 17.00 36.45 39.84
CA VAL C 299 16.16 37.63 39.96
C VAL C 299 16.96 38.90 39.69
N ASN C 300 16.36 39.83 38.98
CA ASN C 300 16.99 41.11 38.67
C ASN C 300 16.01 42.27 38.64
N HIS C 301 16.54 43.49 38.70
CA HIS C 301 15.70 44.68 38.73
C HIS C 301 16.24 45.78 37.80
N LYS C 302 15.34 46.52 37.18
CA LYS C 302 15.71 47.63 36.31
C LYS C 302 14.93 48.86 36.68
N GLU C 303 15.60 50.01 36.71
CA GLU C 303 14.97 51.27 37.07
C GLU C 303 14.14 51.82 35.91
N THR C 304 13.00 52.43 36.24
CA THR C 304 12.10 53.04 35.25
C THR C 304 11.69 52.05 34.16
N ILE C 308 7.84 52.64 39.91
CA ILE C 308 8.36 52.96 38.59
C ILE C 308 9.25 51.85 38.04
N THR C 309 9.68 50.95 38.92
CA THR C 309 10.63 49.90 38.56
C THR C 309 10.02 48.52 38.40
N THR C 310 10.59 47.72 37.49
CA THR C 310 10.10 46.37 37.24
C THR C 310 11.10 45.31 37.73
N LEU C 311 10.56 44.17 38.15
CA LEU C 311 11.38 43.05 38.61
C LEU C 311 11.33 41.90 37.62
N TYR C 312 12.47 41.24 37.42
CA TYR C 312 12.55 40.12 36.50
C TYR C 312 12.94 38.83 37.21
N CYS C 313 12.32 37.72 36.81
CA CYS C 313 12.69 36.41 37.31
C CYS C 313 12.95 35.45 36.15
N ARG C 314 14.17 34.92 36.10
CA ARG C 314 14.54 33.97 35.06
C ARG C 314 14.74 32.58 35.63
N ALA C 315 14.37 31.57 34.86
CA ALA C 315 14.61 30.18 35.24
C ALA C 315 15.33 29.48 34.10
N TYR C 316 16.55 29.01 34.37
CA TYR C 316 17.44 28.49 33.33
C TYR C 316 17.62 26.98 33.40
N GLY C 317 17.89 26.38 32.25
CA GLY C 317 18.34 25.00 32.15
C GLY C 317 17.49 23.95 32.83
N PHE C 318 16.19 23.95 32.56
CA PHE C 318 15.31 22.95 33.13
C PHE C 318 14.71 22.03 32.08
N TYR C 319 14.47 20.78 32.46
CA TYR C 319 13.74 19.83 31.64
C TYR C 319 12.93 18.91 32.56
N PRO C 320 11.73 18.50 32.12
CA PRO C 320 11.08 18.88 30.86
C PRO C 320 10.54 20.30 30.92
N PRO C 321 9.90 20.75 29.82
CA PRO C 321 9.32 22.10 29.69
C PRO C 321 8.15 22.37 30.64
N GLU C 322 7.56 21.36 31.27
CA GLU C 322 6.43 21.64 32.15
C GLU C 322 6.95 22.41 33.36
N ILE C 323 6.46 23.63 33.51
CA ILE C 323 6.98 24.55 34.51
C ILE C 323 5.89 25.56 34.84
N SER C 324 5.87 26.04 36.09
CA SER C 324 4.99 27.15 36.44
C SER C 324 5.74 28.18 37.26
N ILE C 325 5.65 29.44 36.85
CA ILE C 325 6.42 30.52 37.46
C ILE C 325 5.60 31.78 37.58
N ASN C 326 5.63 32.39 38.76
CA ASN C 326 4.90 33.63 39.00
C ASN C 326 5.50 34.45 40.14
N TRP C 327 5.26 35.75 40.12
CA TRP C 327 5.68 36.62 41.22
C TRP C 327 4.68 36.55 42.38
N MET C 328 5.17 36.84 43.58
CA MET C 328 4.34 36.84 44.78
C MET C 328 4.46 38.17 45.49
N LYS C 329 3.37 38.60 46.12
CA LYS C 329 3.45 39.71 47.06
C LYS C 329 2.83 39.32 48.40
N ASN C 330 3.69 39.19 49.41
CA ASN C 330 3.26 39.08 50.81
C ASN C 330 2.14 38.10 51.18
N GLY C 331 2.24 36.82 50.82
CA GLY C 331 3.16 36.29 49.84
C GLY C 331 2.37 35.86 48.61
N GLU C 332 1.16 36.39 48.47
CA GLU C 332 0.22 35.96 47.43
C GLU C 332 0.67 36.27 46.00
N GLU C 333 0.10 35.53 45.04
CA GLU C 333 0.43 35.70 43.62
C GLU C 333 -0.09 37.02 43.05
N ILE C 334 0.67 37.62 42.14
CA ILE C 334 0.31 38.90 41.55
C ILE C 334 -0.19 38.74 40.12
N PHE C 335 -1.46 39.08 39.89
CA PHE C 335 -2.03 39.02 38.54
C PHE C 335 -1.98 40.38 37.84
N GLN C 336 -1.55 41.40 38.56
CA GLN C 336 -1.58 42.77 38.02
C GLN C 336 -0.20 43.21 37.54
N ASP C 337 -0.15 43.80 36.35
CA ASP C 337 1.09 44.32 35.78
C ASP C 337 2.18 43.26 35.67
N THR C 338 1.83 42.11 35.10
CA THR C 338 2.77 41.01 34.98
C THR C 338 2.92 40.55 33.53
N ASP C 339 4.07 39.96 33.22
CA ASP C 339 4.30 39.40 31.89
C ASP C 339 4.89 38.00 32.00
N TYR C 340 4.57 37.15 31.03
CA TYR C 340 4.97 35.75 31.02
C TYR C 340 5.74 35.52 29.73
N GLY C 341 6.95 34.98 29.83
CA GLY C 341 7.77 34.77 28.65
C GLY C 341 7.39 33.55 27.82
N GLY C 342 6.65 32.64 28.44
CA GLY C 342 6.34 31.37 27.81
C GLY C 342 7.56 30.47 27.92
N ILE C 343 7.44 29.22 27.50
CA ILE C 343 8.59 28.32 27.54
C ILE C 343 9.46 28.54 26.30
N LEU C 344 10.76 28.76 26.54
CA LEU C 344 11.68 29.09 25.46
C LEU C 344 12.73 28.00 25.34
N PRO C 345 13.12 27.68 24.11
CA PRO C 345 14.20 26.70 23.92
C PRO C 345 15.52 27.28 24.38
N SER C 346 16.26 26.52 25.19
CA SER C 346 17.56 26.96 25.66
C SER C 346 18.59 26.76 24.58
N GLY C 347 18.45 25.65 23.84
CA GLY C 347 19.43 25.26 22.83
C GLY C 347 20.26 24.07 23.25
N ASP C 348 20.22 23.73 24.53
CA ASP C 348 20.94 22.57 25.06
C ASP C 348 20.03 21.35 25.05
N GLY C 349 18.77 21.56 24.67
CA GLY C 349 17.75 20.55 24.84
C GLY C 349 16.96 20.83 26.09
N THR C 350 17.44 21.83 26.85
CA THR C 350 16.74 22.32 28.02
C THR C 350 15.88 23.52 27.65
N TYR C 351 15.30 24.17 28.65
CA TYR C 351 14.41 25.30 28.41
C TYR C 351 14.57 26.37 29.47
N GLN C 352 14.04 27.56 29.19
CA GLN C 352 14.04 28.64 30.17
C GLN C 352 12.85 29.56 29.94
N THR C 353 12.41 30.23 31.00
CA THR C 353 11.27 31.14 30.93
C THR C 353 11.54 32.36 31.80
N TRP C 354 10.51 33.17 32.03
CA TRP C 354 10.66 34.34 32.87
C TRP C 354 9.33 35.05 33.11
N VAL C 355 9.31 35.88 34.15
CA VAL C 355 8.12 36.63 34.52
C VAL C 355 8.55 37.98 35.09
N SER C 356 7.78 39.02 34.79
CA SER C 356 8.13 40.37 35.23
C SER C 356 6.95 41.03 35.92
N VAL C 357 7.25 41.99 36.78
CA VAL C 357 6.22 42.76 37.48
C VAL C 357 6.61 44.23 37.59
N GLU C 358 5.65 45.11 37.32
CA GLU C 358 5.86 46.54 37.54
C GLU C 358 5.38 46.88 38.95
N LEU C 359 6.24 47.55 39.72
CA LEU C 359 5.99 47.75 41.13
C LEU C 359 5.59 49.16 41.54
N ASP C 360 4.41 49.28 42.14
CA ASP C 360 4.17 50.41 43.02
C ASP C 360 4.56 49.80 44.37
N PRO C 361 5.76 50.14 44.85
CA PRO C 361 6.41 49.39 45.93
C PRO C 361 5.73 49.54 47.28
N GLN C 362 5.23 50.73 47.57
CA GLN C 362 4.75 51.06 48.91
C GLN C 362 5.84 50.81 49.95
N ASN C 363 5.47 50.28 51.10
CA ASN C 363 6.41 50.16 52.21
C ASN C 363 6.38 48.81 52.91
N GLY C 364 7.54 48.17 52.99
CA GLY C 364 7.69 46.93 53.73
C GLY C 364 7.07 45.72 53.06
N ASP C 365 6.85 45.81 51.76
CA ASP C 365 6.29 44.69 51.00
C ASP C 365 7.41 43.76 50.56
N ILE C 366 7.13 42.46 50.59
CA ILE C 366 8.10 41.46 50.16
C ILE C 366 7.72 40.87 48.81
N TYR C 367 8.62 40.99 47.85
CA TYR C 367 8.37 40.41 46.53
C TYR C 367 9.34 39.28 46.25
N SER C 368 8.80 38.10 45.96
CA SER C 368 9.61 36.91 45.76
C SER C 368 9.07 36.05 44.63
N CYS C 369 9.97 35.33 43.97
CA CYS C 369 9.63 34.56 42.79
C CYS C 369 9.27 33.12 43.14
N HIS C 370 8.10 32.69 42.69
CA HIS C 370 7.65 31.32 42.92
C HIS C 370 7.81 30.46 41.67
N VAL C 371 8.52 29.34 41.80
CA VAL C 371 8.71 28.44 40.68
C VAL C 371 8.43 27.00 41.08
N GLU C 372 7.62 26.31 40.28
CA GLU C 372 7.35 24.90 40.50
C GLU C 372 7.73 24.08 39.28
N HIS C 373 8.64 23.13 39.47
CA HIS C 373 9.09 22.29 38.36
C HIS C 373 8.89 20.80 38.67
N GLY C 374 9.75 20.25 39.52
CA GLY C 374 9.53 18.90 40.00
C GLY C 374 8.37 18.96 40.98
N GLY C 375 8.19 20.16 41.54
CA GLY C 375 7.08 20.43 42.43
C GLY C 375 7.12 19.67 43.74
N VAL C 376 8.15 19.83 44.56
CA VAL C 376 9.27 20.78 44.39
C VAL C 376 8.91 22.25 44.11
N HIS C 377 8.38 22.92 45.12
CA HIS C 377 8.14 24.36 45.05
C HIS C 377 9.40 25.14 45.43
N MET C 378 9.85 26.01 44.54
CA MET C 378 11.01 26.84 44.78
C MET C 378 10.63 28.31 44.86
N VAL C 379 11.04 28.98 45.94
CA VAL C 379 10.80 30.41 46.10
C VAL C 379 12.09 31.18 46.37
N LEU C 380 12.28 32.26 45.61
CA LEU C 380 13.43 33.12 45.79
C LEU C 380 12.95 34.52 46.17
N GLN C 381 13.40 35.04 47.31
CA GLN C 381 12.98 36.37 47.70
C GLN C 381 13.79 37.40 46.92
N GLY C 382 13.11 38.16 46.07
CA GLY C 382 13.76 39.20 45.29
C GLY C 382 14.05 40.49 46.01
N PHE C 383 13.02 41.09 46.60
CA PHE C 383 13.11 42.47 47.04
C PHE C 383 12.17 42.83 48.19
N GLN C 384 12.62 43.76 49.04
CA GLN C 384 11.79 44.32 50.09
C GLN C 384 12.26 45.74 50.45
N GLU C 385 11.34 46.59 50.87
CA GLU C 385 11.69 47.95 51.26
C GLU C 385 12.62 47.95 52.47
S SO4 D . -23.19 -11.86 -8.36
O1 SO4 D . -23.62 -10.51 -8.67
O2 SO4 D . -23.01 -12.61 -9.59
O3 SO4 D . -21.92 -11.80 -7.63
O4 SO4 D . -24.20 -12.52 -7.55
S SO4 E . -4.82 -27.58 2.87
O1 SO4 E . -4.17 -26.45 2.23
O2 SO4 E . -5.99 -27.99 2.09
O3 SO4 E . -3.89 -28.70 2.96
O4 SO4 E . -5.25 -27.19 4.21
S SO4 F . -22.85 -18.94 -26.55
O1 SO4 F . -22.12 -17.92 -27.30
O2 SO4 F . -22.79 -20.22 -27.26
O3 SO4 F . -22.25 -19.09 -25.23
O4 SO4 F . -24.24 -18.54 -26.42
S SO4 G . 22.06 27.88 41.95
O1 SO4 G . 22.98 28.33 40.90
O2 SO4 G . 22.02 26.42 41.96
O3 SO4 G . 22.53 28.38 43.24
O4 SO4 G . 20.72 28.40 41.69
S SO4 H . 2.44 23.51 20.06
O1 SO4 H . 3.43 24.57 20.30
O2 SO4 H . 1.52 23.93 19.01
O3 SO4 H . 3.12 22.29 19.67
O4 SO4 H . 1.68 23.28 21.29
#